data_9NXK
#
_entry.id   9NXK
#
_cell.length_a   1.00
_cell.length_b   1.00
_cell.length_c   1.00
_cell.angle_alpha   90.00
_cell.angle_beta   90.00
_cell.angle_gamma   90.00
#
_symmetry.space_group_name_H-M   'P 1'
#
_entity_poly.entity_id   1
_entity_poly.type   'polypeptide(L)'
_entity_poly.pdbx_seq_one_letter_code
;MGLEVATYINQLVPTNPTGSDLKSFGDDHLRLIKSAIKNTFPNISQAVTVTAAQLNAVADTTQYVKPGMVIMWAGSLAQI
PAGWKLCNGVGTTSNGIPVPNLIGAFPWGIDGSSQAVGTRGGSANIVWDGFTEGTALTLAQIPAHTHTWRSRGATTLTGS
AGDSGALTGGSGNAANTNLETGPAGQGQTHNHAVKINMPLGNIPPFCSVFFIIKN
;
_entity_poly.pdbx_strand_id   A,B,C
#
# COMPACT_ATOMS: atom_id res chain seq x y z
N GLY A 2 -19.31 -61.21 -35.03
CA GLY A 2 -18.84 -62.25 -34.14
C GLY A 2 -18.87 -61.86 -32.68
N LEU A 3 -17.87 -62.26 -31.93
CA LEU A 3 -17.75 -61.94 -30.52
C LEU A 3 -16.41 -61.25 -30.28
N GLU A 4 -16.42 -60.21 -29.46
CA GLU A 4 -15.22 -59.44 -29.17
C GLU A 4 -14.96 -59.43 -27.66
N VAL A 5 -13.71 -59.15 -27.32
CA VAL A 5 -13.26 -59.06 -25.94
C VAL A 5 -12.84 -57.63 -25.67
N ALA A 6 -13.45 -57.01 -24.66
CA ALA A 6 -13.19 -55.62 -24.35
C ALA A 6 -12.96 -55.44 -22.86
N THR A 7 -12.02 -54.58 -22.52
CA THR A 7 -11.76 -54.24 -21.12
C THR A 7 -12.50 -52.98 -20.70
N TYR A 8 -12.60 -52.00 -21.58
CA TYR A 8 -13.33 -50.77 -21.33
C TYR A 8 -14.33 -50.55 -22.47
N ILE A 9 -15.21 -49.57 -22.28
CA ILE A 9 -16.28 -49.34 -23.23
C ILE A 9 -15.76 -48.90 -24.59
N ASN A 10 -14.54 -48.40 -24.66
CA ASN A 10 -14.02 -47.92 -25.93
C ASN A 10 -13.80 -49.04 -26.94
N GLN A 11 -13.66 -50.28 -26.48
CA GLN A 11 -13.39 -51.40 -27.37
C GLN A 11 -14.64 -52.17 -27.73
N LEU A 12 -15.82 -51.70 -27.34
CA LEU A 12 -17.06 -52.33 -27.77
C LEU A 12 -17.27 -52.12 -29.26
N VAL A 13 -17.66 -53.19 -29.96
CA VAL A 13 -17.93 -53.14 -31.39
C VAL A 13 -19.42 -52.93 -31.58
N PRO A 14 -19.87 -51.80 -32.14
CA PRO A 14 -21.31 -51.52 -32.20
C PRO A 14 -22.08 -52.40 -33.16
N THR A 15 -21.41 -53.18 -34.01
CA THR A 15 -22.10 -53.98 -35.01
C THR A 15 -21.69 -55.45 -34.94
N ASN A 16 -21.29 -55.91 -33.76
CA ASN A 16 -20.72 -57.26 -33.71
C ASN A 16 -21.77 -58.35 -33.78
N PRO A 17 -22.83 -58.36 -32.94
CA PRO A 17 -23.79 -59.45 -33.02
C PRO A 17 -24.63 -59.38 -34.28
N THR A 18 -24.05 -59.75 -35.42
CA THR A 18 -24.75 -59.69 -36.68
C THR A 18 -25.88 -60.71 -36.74
N GLY A 19 -26.79 -60.50 -37.68
CA GLY A 19 -27.96 -61.36 -37.77
C GLY A 19 -27.65 -62.80 -38.12
N SER A 20 -26.45 -63.08 -38.61
CA SER A 20 -26.05 -64.42 -38.99
C SER A 20 -25.31 -65.16 -37.87
N ASP A 21 -25.17 -64.56 -36.70
CA ASP A 21 -24.48 -65.21 -35.60
C ASP A 21 -25.40 -66.19 -34.88
N LEU A 22 -24.79 -67.14 -34.19
CA LEU A 22 -25.55 -68.11 -33.43
C LEU A 22 -26.12 -67.47 -32.17
N LYS A 23 -27.28 -67.97 -31.75
CA LYS A 23 -27.90 -67.45 -30.54
C LYS A 23 -27.20 -67.93 -29.28
N SER A 24 -26.49 -69.05 -29.34
CA SER A 24 -25.84 -69.58 -28.16
C SER A 24 -24.73 -68.67 -27.64
N PHE A 25 -24.29 -67.71 -28.45
CA PHE A 25 -23.31 -66.73 -28.01
C PHE A 25 -23.94 -65.51 -27.36
N GLY A 26 -25.25 -65.31 -27.53
CA GLY A 26 -25.87 -64.09 -27.05
C GLY A 26 -25.64 -63.84 -25.58
N ASP A 27 -25.77 -64.89 -24.76
CA ASP A 27 -25.53 -64.76 -23.33
C ASP A 27 -24.18 -64.12 -23.08
N ASP A 28 -23.14 -64.60 -23.75
CA ASP A 28 -21.81 -64.06 -23.57
C ASP A 28 -21.82 -62.55 -23.80
N HIS A 29 -22.44 -62.12 -24.89
CA HIS A 29 -22.51 -60.69 -25.20
C HIS A 29 -23.03 -59.92 -24.00
N LEU A 30 -24.13 -60.38 -23.41
CA LEU A 30 -24.70 -59.70 -22.25
C LEU A 30 -23.64 -59.53 -21.17
N ARG A 31 -23.00 -60.64 -20.80
CA ARG A 31 -21.98 -60.57 -19.77
C ARG A 31 -20.94 -59.52 -20.14
N LEU A 32 -20.45 -59.58 -21.38
CA LEU A 32 -19.43 -58.65 -21.81
C LEU A 32 -19.84 -57.22 -21.51
N ILE A 33 -21.06 -56.84 -21.89
CA ILE A 33 -21.49 -55.46 -21.71
C ILE A 33 -21.38 -55.08 -20.24
N LYS A 34 -21.96 -55.91 -19.36
CA LYS A 34 -21.90 -55.61 -17.94
C LYS A 34 -20.46 -55.41 -17.51
N SER A 35 -19.60 -56.35 -17.88
CA SER A 35 -18.20 -56.27 -17.48
C SER A 35 -17.62 -54.93 -17.86
N ALA A 36 -17.84 -54.50 -19.11
CA ALA A 36 -17.26 -53.25 -19.58
C ALA A 36 -17.65 -52.11 -18.64
N ILE A 37 -18.93 -52.00 -18.33
CA ILE A 37 -19.38 -50.91 -17.47
C ILE A 37 -18.70 -51.01 -16.11
N LYS A 38 -18.65 -52.21 -15.54
CA LYS A 38 -18.06 -52.38 -14.23
C LYS A 38 -16.58 -52.04 -14.22
N ASN A 39 -15.93 -52.02 -15.38
CA ASN A 39 -14.51 -51.66 -15.43
C ASN A 39 -14.30 -50.18 -15.74
N THR A 40 -15.32 -49.46 -16.18
CA THR A 40 -15.16 -48.06 -16.55
C THR A 40 -15.59 -47.10 -15.46
N PHE A 41 -16.58 -47.46 -14.66
CA PHE A 41 -17.05 -46.64 -13.55
C PHE A 41 -17.13 -47.50 -12.30
N PRO A 42 -15.98 -47.91 -11.76
CA PRO A 42 -16.00 -48.84 -10.62
C PRO A 42 -16.47 -48.20 -9.32
N ASN A 43 -16.47 -46.87 -9.23
CA ASN A 43 -16.81 -46.19 -7.99
C ASN A 43 -18.15 -45.46 -8.04
N ILE A 44 -18.83 -45.49 -9.17
CA ILE A 44 -20.12 -44.80 -9.28
C ILE A 44 -21.19 -45.69 -8.66
N SER A 45 -21.88 -45.16 -7.65
CA SER A 45 -22.95 -45.89 -6.99
C SER A 45 -24.22 -45.07 -6.80
N GLN A 46 -24.16 -43.75 -6.92
CA GLN A 46 -25.32 -42.89 -6.82
C GLN A 46 -25.60 -42.24 -8.16
N ALA A 47 -26.72 -41.52 -8.23
CA ALA A 47 -27.10 -40.84 -9.45
C ALA A 47 -26.14 -39.68 -9.74
N VAL A 48 -25.88 -39.46 -11.02
CA VAL A 48 -25.07 -38.33 -11.47
C VAL A 48 -26.01 -37.35 -12.15
N THR A 49 -26.29 -36.23 -11.49
CA THR A 49 -27.32 -35.31 -11.94
C THR A 49 -26.80 -34.21 -12.85
N VAL A 50 -25.48 -34.13 -13.07
CA VAL A 50 -24.95 -33.06 -13.91
C VAL A 50 -25.29 -33.35 -15.38
N THR A 51 -25.23 -32.30 -16.19
CA THR A 51 -25.54 -32.40 -17.60
C THR A 51 -24.25 -32.52 -18.42
N ALA A 52 -24.41 -32.72 -19.72
CA ALA A 52 -23.26 -32.88 -20.60
C ALA A 52 -22.43 -31.61 -20.68
N ALA A 53 -23.08 -30.45 -20.72
CA ALA A 53 -22.35 -29.20 -20.81
C ALA A 53 -21.47 -28.97 -19.59
N GLN A 54 -22.00 -29.25 -18.40
CA GLN A 54 -21.19 -29.08 -17.19
C GLN A 54 -19.99 -30.00 -17.21
N LEU A 55 -20.16 -31.25 -17.63
CA LEU A 55 -19.04 -32.17 -17.70
C LEU A 55 -18.00 -31.72 -18.72
N ASN A 56 -18.45 -31.23 -19.88
CA ASN A 56 -17.51 -30.75 -20.88
C ASN A 56 -16.80 -29.49 -20.41
N ALA A 57 -17.41 -28.73 -19.50
CA ALA A 57 -16.76 -27.54 -18.98
C ALA A 57 -15.51 -27.86 -18.17
N VAL A 58 -15.36 -29.11 -17.73
CA VAL A 58 -14.18 -29.50 -16.95
C VAL A 58 -12.92 -29.35 -17.78
N ALA A 59 -13.00 -29.63 -19.08
CA ALA A 59 -11.84 -29.52 -19.96
C ALA A 59 -11.27 -28.11 -19.97
N ASP A 60 -12.10 -27.10 -19.71
CA ASP A 60 -11.61 -25.73 -19.65
C ASP A 60 -10.75 -25.55 -18.41
N THR A 61 -9.52 -25.03 -18.61
CA THR A 61 -8.58 -24.85 -17.52
C THR A 61 -8.24 -23.40 -17.24
N THR A 62 -8.62 -22.48 -18.12
CA THR A 62 -8.32 -21.07 -17.87
C THR A 62 -8.86 -20.59 -16.53
N GLN A 63 -10.03 -21.08 -16.12
CA GLN A 63 -10.55 -20.70 -14.81
C GLN A 63 -9.70 -21.28 -13.69
N TYR A 64 -9.15 -22.48 -13.88
CA TYR A 64 -8.30 -23.05 -12.84
C TYR A 64 -7.16 -22.11 -12.49
N VAL A 65 -6.84 -22.04 -11.20
CA VAL A 65 -5.79 -21.14 -10.74
C VAL A 65 -4.45 -21.81 -10.96
N LYS A 66 -3.50 -21.06 -11.50
CA LYS A 66 -2.23 -21.62 -11.89
C LYS A 66 -1.24 -21.58 -10.74
N PRO A 67 -0.22 -22.44 -10.75
CA PRO A 67 0.82 -22.37 -9.73
C PRO A 67 1.56 -21.05 -9.76
N GLY A 68 1.99 -20.59 -8.59
CA GLY A 68 2.70 -19.35 -8.46
C GLY A 68 1.84 -18.14 -8.17
N MET A 69 0.51 -18.28 -8.22
CA MET A 69 -0.35 -17.18 -7.85
C MET A 69 -0.24 -16.89 -6.36
N VAL A 70 -0.32 -15.61 -6.01
CA VAL A 70 -0.17 -15.16 -4.64
C VAL A 70 -1.44 -14.42 -4.22
N ILE A 71 -1.72 -14.47 -2.92
CA ILE A 71 -3.01 -14.03 -2.38
C ILE A 71 -2.78 -13.59 -0.94
N MET A 72 -3.72 -12.81 -0.40
CA MET A 72 -3.74 -12.50 1.02
C MET A 72 -4.70 -13.43 1.72
N TRP A 73 -4.25 -13.99 2.83
CA TRP A 73 -4.99 -14.97 3.61
C TRP A 73 -5.42 -14.33 4.92
N ALA A 74 -6.73 -14.41 5.21
CA ALA A 74 -7.30 -13.78 6.39
C ALA A 74 -7.33 -14.70 7.60
N GLY A 75 -6.90 -15.95 7.45
CA GLY A 75 -6.87 -16.87 8.57
C GLY A 75 -5.50 -16.96 9.20
N SER A 76 -5.41 -17.80 10.23
CA SER A 76 -4.16 -17.99 10.93
C SER A 76 -3.16 -18.78 10.08
N LEU A 77 -1.90 -18.74 10.49
CA LEU A 77 -0.87 -19.49 9.78
C LEU A 77 -1.11 -20.99 9.86
N ALA A 78 -1.69 -21.46 10.96
CA ALA A 78 -1.93 -22.89 11.12
C ALA A 78 -2.96 -23.42 10.12
N GLN A 79 -3.95 -22.60 9.76
CA GLN A 79 -5.01 -23.01 8.85
C GLN A 79 -4.73 -22.61 7.40
N ILE A 80 -3.47 -22.56 7.01
CA ILE A 80 -3.12 -22.23 5.62
C ILE A 80 -3.57 -23.36 4.71
N PRO A 81 -4.31 -23.09 3.64
CA PRO A 81 -4.74 -24.16 2.73
C PRO A 81 -3.56 -24.84 2.07
N ALA A 82 -3.73 -26.12 1.78
CA ALA A 82 -2.67 -26.91 1.17
C ALA A 82 -2.35 -26.38 -0.23
N GLY A 83 -1.08 -26.50 -0.61
CA GLY A 83 -0.62 -25.95 -1.86
C GLY A 83 -0.23 -24.49 -1.82
N TRP A 84 -0.20 -23.89 -0.64
CA TRP A 84 0.17 -22.48 -0.48
C TRP A 84 1.27 -22.37 0.56
N LYS A 85 2.24 -21.51 0.30
CA LYS A 85 3.36 -21.25 1.21
C LYS A 85 3.39 -19.78 1.58
N LEU A 86 3.73 -19.49 2.83
CA LEU A 86 3.76 -18.12 3.30
C LEU A 86 4.80 -17.31 2.53
N CYS A 87 4.51 -16.03 2.32
CA CYS A 87 5.37 -15.15 1.53
C CYS A 87 6.53 -14.66 2.39
N ASN A 88 7.43 -15.59 2.70
CA ASN A 88 8.65 -15.27 3.45
C ASN A 88 9.83 -14.98 2.54
N GLY A 89 9.65 -15.03 1.22
CA GLY A 89 10.75 -14.80 0.32
C GLY A 89 11.76 -15.92 0.26
N VAL A 90 11.38 -17.12 0.69
CA VAL A 90 12.29 -18.26 0.77
C VAL A 90 11.76 -19.36 -0.15
N GLY A 91 12.63 -19.90 -0.99
CA GLY A 91 12.27 -20.99 -1.86
C GLY A 91 11.74 -20.53 -3.20
N THR A 92 11.31 -21.51 -3.99
CA THR A 92 10.75 -21.27 -5.32
C THR A 92 9.43 -22.02 -5.45
N THR A 93 8.81 -21.89 -6.61
CA THR A 93 7.53 -22.53 -6.89
C THR A 93 7.76 -23.84 -7.62
N SER A 94 6.67 -24.49 -8.04
CA SER A 94 6.79 -25.73 -8.80
C SER A 94 7.45 -25.50 -10.15
N ASN A 95 7.10 -24.41 -10.82
CA ASN A 95 7.71 -24.07 -12.10
C ASN A 95 9.03 -23.34 -11.96
N GLY A 96 9.46 -23.03 -10.74
CA GLY A 96 10.75 -22.42 -10.51
C GLY A 96 10.72 -20.93 -10.26
N ILE A 97 9.55 -20.31 -10.19
CA ILE A 97 9.46 -18.88 -9.93
C ILE A 97 9.94 -18.61 -8.50
N PRO A 98 10.89 -17.71 -8.30
CA PRO A 98 11.35 -17.42 -6.93
C PRO A 98 10.24 -16.83 -6.08
N VAL A 99 10.24 -17.21 -4.80
CA VAL A 99 9.23 -16.72 -3.87
C VAL A 99 9.61 -15.31 -3.44
N PRO A 100 8.75 -14.32 -3.68
CA PRO A 100 9.03 -12.97 -3.18
C PRO A 100 8.72 -12.86 -1.70
N ASN A 101 9.30 -11.84 -1.07
CA ASN A 101 9.06 -11.55 0.33
C ASN A 101 8.09 -10.39 0.43
N LEU A 102 6.99 -10.61 1.13
CA LEU A 102 5.97 -9.58 1.33
C LEU A 102 5.76 -9.23 2.80
N ILE A 103 6.62 -9.70 3.70
CA ILE A 103 6.46 -9.38 5.11
C ILE A 103 6.79 -7.92 5.34
N GLY A 104 5.92 -7.22 6.06
CA GLY A 104 6.13 -5.82 6.34
C GLY A 104 6.29 -4.96 5.11
N ALA A 105 5.47 -5.18 4.09
CA ALA A 105 5.60 -4.45 2.84
C ALA A 105 4.21 -4.15 2.30
N PHE A 106 4.17 -3.57 1.11
CA PHE A 106 2.94 -3.23 0.41
C PHE A 106 3.03 -3.68 -1.04
N PRO A 107 1.91 -4.01 -1.67
CA PRO A 107 1.95 -4.40 -3.08
C PRO A 107 2.10 -3.20 -4.01
N TRP A 108 3.29 -3.01 -4.56
CA TRP A 108 3.59 -1.85 -5.40
C TRP A 108 3.47 -2.26 -6.86
N GLY A 109 2.43 -1.76 -7.53
CA GLY A 109 2.19 -2.09 -8.92
C GLY A 109 3.30 -1.62 -9.83
N ILE A 110 3.85 -2.53 -10.63
CA ILE A 110 4.95 -2.24 -11.54
C ILE A 110 4.59 -2.73 -12.93
N ASP A 111 5.27 -2.16 -13.92
CA ASP A 111 5.12 -2.56 -15.31
C ASP A 111 6.21 -3.52 -15.77
N GLY A 112 7.09 -3.94 -14.86
CA GLY A 112 8.18 -4.84 -15.21
C GLY A 112 9.39 -4.16 -15.81
N SER A 113 9.35 -2.84 -15.99
CA SER A 113 10.48 -2.08 -16.51
C SER A 113 11.10 -1.15 -15.49
N SER A 114 10.28 -0.52 -14.63
CA SER A 114 10.80 0.37 -13.61
C SER A 114 11.63 -0.39 -12.58
N GLN A 115 11.08 -1.47 -12.03
CA GLN A 115 11.76 -2.28 -11.03
C GLN A 115 11.62 -3.75 -11.38
N ALA A 116 12.56 -4.55 -10.89
CA ALA A 116 12.44 -5.99 -11.00
C ALA A 116 11.33 -6.50 -10.08
N VAL A 117 10.67 -7.57 -10.51
CA VAL A 117 9.58 -8.15 -9.73
C VAL A 117 10.13 -8.68 -8.42
N GLY A 118 9.44 -8.38 -7.33
CA GLY A 118 9.86 -8.79 -6.01
C GLY A 118 10.84 -7.88 -5.32
N THR A 119 11.28 -6.81 -5.98
CA THR A 119 12.20 -5.87 -5.36
C THR A 119 11.51 -5.12 -4.22
N ARG A 120 12.22 -4.96 -3.12
CA ARG A 120 11.70 -4.28 -1.94
C ARG A 120 12.26 -2.86 -1.92
N GLY A 121 11.36 -1.87 -1.90
CA GLY A 121 11.77 -0.48 -1.87
C GLY A 121 10.94 0.30 -0.88
N GLY A 122 11.40 1.52 -0.60
CA GLY A 122 10.74 2.38 0.35
C GLY A 122 11.02 1.97 1.78
N SER A 123 10.98 2.93 2.71
CA SER A 123 11.21 2.63 4.11
C SER A 123 10.54 3.68 4.97
N ALA A 124 10.09 3.25 6.14
CA ALA A 124 9.45 4.16 7.10
C ALA A 124 10.45 5.06 7.80
N ASN A 125 11.75 4.76 7.72
CA ASN A 125 12.77 5.59 8.36
C ASN A 125 14.06 5.43 7.56
N ILE A 126 14.40 6.44 6.75
CA ILE A 126 15.62 6.45 5.97
C ILE A 126 16.65 7.42 6.54
N VAL A 127 16.31 8.71 6.61
CA VAL A 127 17.18 9.72 7.19
C VAL A 127 16.36 10.98 7.42
N TRP A 128 16.88 11.90 8.23
CA TRP A 128 16.20 13.15 8.50
C TRP A 128 17.23 14.22 8.84
N ASP A 129 16.97 15.45 8.38
CA ASP A 129 17.83 16.59 8.69
C ASP A 129 16.98 17.85 8.70
N GLY A 130 17.18 18.67 9.73
CA GLY A 130 16.52 19.96 9.83
C GLY A 130 17.51 21.08 9.53
N PHE A 131 17.09 22.01 8.68
CA PHE A 131 17.98 23.09 8.25
C PHE A 131 17.15 24.28 7.78
N THR A 132 17.14 25.34 8.57
CA THR A 132 16.57 26.61 8.14
C THR A 132 17.65 27.44 7.43
N GLU A 133 17.37 28.72 7.20
CA GLU A 133 18.39 29.65 6.74
C GLU A 133 18.18 30.99 7.43
N GLY A 134 19.17 31.86 7.32
CA GLY A 134 19.13 33.13 8.01
C GLY A 134 18.06 34.06 7.47
N THR A 135 17.77 35.08 8.25
CA THR A 135 16.77 36.09 7.90
C THR A 135 17.47 37.41 7.65
N ALA A 136 17.05 38.10 6.60
CA ALA A 136 17.52 39.45 6.33
C ALA A 136 16.94 40.38 7.39
N LEU A 137 17.71 40.63 8.44
CA LEU A 137 17.20 41.33 9.61
C LEU A 137 16.99 42.81 9.33
N THR A 138 16.00 43.38 10.00
CA THR A 138 15.72 44.81 9.93
C THR A 138 16.39 45.53 11.09
N LEU A 139 16.30 46.86 11.07
CA LEU A 139 16.89 47.66 12.14
C LEU A 139 16.19 47.44 13.47
N ALA A 140 14.89 47.10 13.43
CA ALA A 140 14.12 46.84 14.64
C ALA A 140 14.18 45.39 15.08
N GLN A 141 14.95 44.55 14.38
CA GLN A 141 15.06 43.14 14.76
C GLN A 141 15.67 43.00 16.14
N ILE A 142 16.58 43.89 16.50
CA ILE A 142 17.25 43.87 17.80
C ILE A 142 16.26 44.26 18.89
N PRO A 143 16.43 43.77 20.13
CA PRO A 143 15.49 44.14 21.20
C PRO A 143 15.68 45.56 21.67
N ALA A 144 14.92 45.96 22.70
CA ALA A 144 15.02 47.30 23.27
C ALA A 144 16.23 47.33 24.20
N HIS A 145 17.39 47.62 23.63
CA HIS A 145 18.65 47.63 24.36
C HIS A 145 19.38 48.93 24.12
N THR A 146 20.24 49.30 25.08
CA THR A 146 21.03 50.51 25.00
C THR A 146 22.47 50.20 25.40
N HIS A 147 23.31 51.22 25.29
CA HIS A 147 24.70 51.13 25.71
C HIS A 147 24.99 52.26 26.69
N THR A 148 25.26 51.90 27.94
CA THR A 148 25.56 52.92 28.93
C THR A 148 26.89 53.60 28.64
N TRP A 149 26.93 54.90 28.92
CA TRP A 149 28.14 55.69 28.70
C TRP A 149 28.97 55.67 29.97
N ARG A 150 30.10 54.96 29.92
CA ARG A 150 31.05 54.95 31.03
C ARG A 150 32.40 55.42 30.52
N SER A 151 33.12 56.13 31.37
CA SER A 151 34.41 56.72 31.03
C SER A 151 35.52 55.88 31.64
N ARG A 152 36.48 55.47 30.82
CA ARG A 152 37.55 54.60 31.30
C ARG A 152 38.43 55.36 32.30
N GLY A 153 38.72 54.71 33.42
CA GLY A 153 39.51 55.34 34.46
C GLY A 153 38.86 56.62 34.97
N ALA A 154 39.71 57.50 35.48
CA ALA A 154 39.28 58.84 35.89
C ALA A 154 39.42 59.79 34.70
N THR A 155 38.58 59.54 33.69
CA THR A 155 38.65 60.29 32.45
C THR A 155 38.28 61.74 32.68
N THR A 156 39.16 62.64 32.26
CA THR A 156 38.93 64.08 32.37
C THR A 156 38.94 64.69 30.98
N LEU A 157 37.89 65.44 30.67
CA LEU A 157 37.83 66.14 29.40
C LEU A 157 38.76 67.35 29.43
N THR A 158 39.57 67.48 28.38
CA THR A 158 40.46 68.64 28.25
C THR A 158 39.73 69.81 27.61
N GLY A 159 38.58 70.16 28.18
CA GLY A 159 37.77 71.24 27.66
C GLY A 159 38.05 72.57 28.35
N SER A 160 38.82 73.42 27.68
CA SER A 160 39.16 74.74 28.19
C SER A 160 39.15 75.71 27.02
N ALA A 161 39.47 76.98 27.30
CA ALA A 161 39.52 78.01 26.28
C ALA A 161 40.89 77.93 25.59
N GLY A 162 40.95 77.16 24.51
CA GLY A 162 42.18 77.00 23.77
C GLY A 162 42.48 75.57 23.42
N ASP A 163 41.90 74.63 24.17
CA ASP A 163 42.09 73.20 23.93
C ASP A 163 40.76 72.57 23.56
N SER A 164 40.75 71.80 22.48
CA SER A 164 39.53 71.14 22.03
C SER A 164 39.08 70.11 23.06
N GLY A 165 37.77 70.07 23.28
CA GLY A 165 37.20 69.14 24.24
C GLY A 165 37.38 67.70 23.85
N ALA A 166 38.28 67.00 24.54
CA ALA A 166 38.55 65.59 24.29
C ALA A 166 38.60 64.86 25.63
N LEU A 167 37.86 63.76 25.73
CA LEU A 167 37.81 62.96 26.96
C LEU A 167 39.07 62.11 27.06
N THR A 168 40.20 62.80 27.24
CA THR A 168 41.50 62.14 27.35
C THR A 168 41.58 61.46 28.72
N GLY A 169 41.24 60.18 28.77
CA GLY A 169 41.21 59.47 30.02
C GLY A 169 42.30 58.44 30.19
N GLY A 170 43.16 58.62 31.19
CA GLY A 170 44.19 57.66 31.50
C GLY A 170 43.67 56.52 32.36
N SER A 171 44.58 55.62 32.71
CA SER A 171 44.23 54.47 33.53
C SER A 171 43.85 54.93 34.94
N GLY A 172 42.89 54.23 35.53
CA GLY A 172 42.44 54.54 36.87
C GLY A 172 41.10 53.89 37.15
N ASN A 173 40.47 54.36 38.23
CA ASN A 173 39.16 53.85 38.62
C ASN A 173 38.09 54.37 37.67
N ALA A 174 37.46 53.47 36.94
CA ALA A 174 36.46 53.84 35.93
C ALA A 174 35.20 54.33 36.63
N ALA A 175 35.03 55.65 36.68
CA ALA A 175 33.85 56.26 37.28
C ALA A 175 32.73 56.24 36.26
N ASN A 176 31.74 55.37 36.47
CA ASN A 176 30.63 55.21 35.54
C ASN A 176 29.58 56.27 35.85
N THR A 177 29.46 57.26 34.97
CA THR A 177 28.41 58.27 35.11
C THR A 177 27.08 57.72 34.62
N ASN A 178 26.00 58.36 35.06
CA ASN A 178 24.65 57.93 34.73
C ASN A 178 24.20 58.50 33.39
N LEU A 179 24.89 58.08 32.33
CA LEU A 179 24.56 58.46 30.96
C LEU A 179 24.27 57.21 30.14
N GLU A 180 23.18 57.26 29.38
CA GLU A 180 22.70 56.13 28.60
C GLU A 180 22.46 56.57 27.16
N THR A 181 22.98 55.80 26.21
CA THR A 181 22.81 56.10 24.80
C THR A 181 21.43 55.67 24.31
N GLY A 182 21.10 56.07 23.09
CA GLY A 182 19.81 55.78 22.50
C GLY A 182 19.58 54.30 22.26
N PRO A 183 18.40 53.82 22.65
CA PRO A 183 18.04 52.43 22.36
C PRO A 183 17.91 52.19 20.86
N ALA A 184 18.24 50.98 20.43
CA ALA A 184 18.15 50.61 19.03
C ALA A 184 17.32 49.34 18.90
N GLY A 185 16.25 49.41 18.13
CA GLY A 185 15.42 48.26 17.86
C GLY A 185 14.48 47.88 19.00
N GLN A 186 13.56 46.94 18.74
CA GLN A 186 12.65 46.47 19.77
C GLN A 186 12.44 44.96 19.76
N GLY A 187 13.05 44.23 18.83
CA GLY A 187 12.88 42.79 18.78
C GLY A 187 11.67 42.35 17.98
N GLN A 188 11.63 42.72 16.70
CA GLN A 188 10.50 42.38 15.84
C GLN A 188 10.62 40.93 15.37
N THR A 189 9.77 40.54 14.42
CA THR A 189 9.68 39.16 13.96
C THR A 189 10.63 38.93 12.78
N HIS A 190 11.48 37.92 12.90
CA HIS A 190 12.37 37.51 11.83
C HIS A 190 12.03 36.08 11.42
N ASN A 191 11.77 35.88 10.14
CA ASN A 191 11.26 34.61 9.63
C ASN A 191 12.31 33.89 8.81
N HIS A 192 12.26 32.56 8.86
CA HIS A 192 13.20 31.71 8.15
C HIS A 192 12.43 30.69 7.31
N ALA A 193 13.07 30.22 6.25
CA ALA A 193 12.56 29.14 5.43
C ALA A 193 13.36 27.87 5.72
N VAL A 194 12.81 26.73 5.30
CA VAL A 194 13.33 25.41 5.67
C VAL A 194 13.66 24.62 4.41
N LYS A 195 14.78 23.90 4.43
CA LYS A 195 15.18 23.02 3.35
C LYS A 195 15.35 21.59 3.88
N ILE A 196 14.37 21.14 4.67
CA ILE A 196 14.37 19.86 5.37
C ILE A 196 14.72 18.68 4.48
N ASN A 197 15.39 17.68 5.06
CA ASN A 197 15.73 16.44 4.37
C ASN A 197 14.90 15.34 5.00
N MET A 198 13.88 14.88 4.29
CA MET A 198 12.83 14.02 4.84
C MET A 198 12.50 12.81 3.95
N PRO A 199 13.38 11.81 3.96
CA PRO A 199 12.99 10.49 3.43
C PRO A 199 12.36 9.56 4.47
N LEU A 200 12.15 10.02 5.70
CA LEU A 200 11.54 9.17 6.72
C LEU A 200 10.11 8.84 6.35
N GLY A 201 9.86 7.58 6.01
CA GLY A 201 8.57 7.19 5.48
C GLY A 201 7.46 7.32 6.51
N ASN A 202 6.27 7.66 6.03
CA ASN A 202 5.07 7.71 6.85
C ASN A 202 4.15 6.56 6.47
N ILE A 203 3.65 5.84 7.47
CA ILE A 203 2.80 4.68 7.24
C ILE A 203 1.34 5.11 7.13
N PRO A 204 0.71 4.94 5.97
CA PRO A 204 -0.69 5.29 5.81
C PRO A 204 -1.58 4.23 6.47
N PRO A 205 -2.90 4.42 6.49
CA PRO A 205 -3.77 3.38 7.05
C PRO A 205 -3.59 2.06 6.35
N PHE A 206 -3.56 0.98 7.14
CA PHE A 206 -3.29 -0.35 6.61
C PHE A 206 -4.19 -1.36 7.32
N CYS A 207 -4.04 -2.63 6.93
CA CYS A 207 -4.68 -3.74 7.61
C CYS A 207 -3.69 -4.91 7.66
N SER A 208 -3.83 -5.72 8.70
CA SER A 208 -2.89 -6.80 8.99
C SER A 208 -3.46 -8.12 8.48
N VAL A 209 -2.84 -8.68 7.44
CA VAL A 209 -3.28 -9.93 6.84
C VAL A 209 -2.07 -10.77 6.47
N PHE A 210 -2.29 -12.08 6.36
CA PHE A 210 -1.24 -12.97 5.89
C PHE A 210 -1.11 -12.90 4.37
N PHE A 211 0.02 -13.38 3.86
CA PHE A 211 0.23 -13.46 2.42
C PHE A 211 0.79 -14.84 2.09
N ILE A 212 0.15 -15.56 1.18
CA ILE A 212 0.57 -16.89 0.78
C ILE A 212 0.54 -16.98 -0.74
N ILE A 213 1.54 -17.65 -1.30
CA ILE A 213 1.65 -17.88 -2.74
C ILE A 213 1.41 -19.35 -3.01
N LYS A 214 0.60 -19.64 -4.04
CA LYS A 214 0.34 -21.02 -4.42
C LYS A 214 1.64 -21.68 -4.88
N ASN A 215 1.88 -22.89 -4.38
CA ASN A 215 3.10 -23.63 -4.70
C ASN A 215 3.25 -23.86 -6.19
N GLY B 2 -41.19 -53.15 -28.23
CA GLY B 2 -40.73 -53.21 -29.60
C GLY B 2 -39.27 -52.78 -29.75
N LEU B 3 -38.99 -52.04 -30.81
CA LEU B 3 -37.66 -51.52 -31.07
C LEU B 3 -37.75 -50.02 -31.30
N GLU B 4 -36.81 -49.28 -30.71
CA GLU B 4 -36.80 -47.83 -30.79
C GLU B 4 -35.49 -47.36 -31.41
N VAL B 5 -35.51 -46.12 -31.90
CA VAL B 5 -34.35 -45.49 -32.49
C VAL B 5 -33.76 -44.55 -31.45
N ALA B 6 -32.54 -44.86 -30.99
CA ALA B 6 -31.88 -44.09 -29.96
C ALA B 6 -30.45 -43.80 -30.39
N THR B 7 -30.02 -42.55 -30.23
CA THR B 7 -28.65 -42.14 -30.52
C THR B 7 -27.83 -41.97 -29.25
N TYR B 8 -28.43 -41.47 -28.18
CA TYR B 8 -27.76 -41.29 -26.90
C TYR B 8 -28.51 -42.07 -25.83
N ILE B 9 -27.86 -42.23 -24.68
CA ILE B 9 -28.41 -43.07 -23.63
C ILE B 9 -29.75 -42.55 -23.12
N ASN B 10 -29.98 -41.24 -23.24
CA ASN B 10 -31.23 -40.68 -22.73
C ASN B 10 -32.44 -41.15 -23.53
N GLN B 11 -32.25 -41.62 -24.76
CA GLN B 11 -33.36 -42.04 -25.60
C GLN B 11 -33.69 -43.53 -25.46
N LEU B 12 -32.98 -44.25 -24.60
CA LEU B 12 -33.27 -45.66 -24.42
C LEU B 12 -34.58 -45.84 -23.66
N VAL B 13 -35.39 -46.78 -24.13
CA VAL B 13 -36.66 -47.11 -23.51
C VAL B 13 -36.43 -48.31 -22.59
N PRO B 14 -36.56 -48.16 -21.27
CA PRO B 14 -36.22 -49.27 -20.36
C PRO B 14 -37.22 -50.41 -20.37
N THR B 15 -38.34 -50.30 -21.09
CA THR B 15 -39.36 -51.34 -21.09
C THR B 15 -39.71 -51.78 -22.51
N ASN B 16 -38.79 -51.59 -23.45
CA ASN B 16 -39.13 -51.85 -24.84
C ASN B 16 -39.17 -53.34 -25.16
N PRO B 17 -38.10 -54.13 -24.88
CA PRO B 17 -38.17 -55.54 -25.23
C PRO B 17 -39.09 -56.33 -24.30
N THR B 18 -40.39 -56.25 -24.56
CA THR B 18 -41.37 -56.92 -23.72
C THR B 18 -41.28 -58.44 -23.91
N GLY B 19 -41.95 -59.17 -23.02
CA GLY B 19 -41.91 -60.62 -23.06
C GLY B 19 -42.60 -61.22 -24.26
N SER B 20 -43.48 -60.47 -24.92
CA SER B 20 -44.22 -60.97 -26.07
C SER B 20 -43.57 -60.63 -27.39
N ASP B 21 -42.38 -60.03 -27.38
CA ASP B 21 -41.71 -59.67 -28.61
C ASP B 21 -41.00 -60.88 -29.21
N LEU B 22 -40.53 -60.73 -30.44
CA LEU B 22 -39.87 -61.80 -31.15
C LEU B 22 -38.40 -61.89 -30.76
N LYS B 23 -37.86 -63.10 -30.82
CA LYS B 23 -36.44 -63.29 -30.53
C LYS B 23 -35.56 -62.73 -31.63
N SER B 24 -36.05 -62.71 -32.87
CA SER B 24 -35.22 -62.30 -34.00
C SER B 24 -34.80 -60.85 -33.91
N PHE B 25 -35.50 -60.03 -33.10
CA PHE B 25 -35.10 -58.65 -32.91
C PHE B 25 -34.11 -58.47 -31.77
N GLY B 26 -33.97 -59.47 -30.90
CA GLY B 26 -33.15 -59.30 -29.71
C GLY B 26 -31.73 -58.88 -30.04
N ASP B 27 -31.14 -59.52 -31.05
CA ASP B 27 -29.78 -59.16 -31.46
C ASP B 27 -29.67 -57.67 -31.74
N ASP B 28 -30.64 -57.12 -32.47
CA ASP B 28 -30.60 -55.70 -32.78
C ASP B 28 -30.55 -54.87 -31.50
N HIS B 29 -31.37 -55.24 -30.51
CA HIS B 29 -31.34 -54.54 -29.24
C HIS B 29 -29.92 -54.44 -28.70
N LEU B 30 -29.21 -55.58 -28.68
CA LEU B 30 -27.85 -55.57 -28.19
C LEU B 30 -27.03 -54.51 -28.92
N ARG B 31 -27.04 -54.55 -30.25
CA ARG B 31 -26.30 -53.57 -31.02
C ARG B 31 -26.67 -52.17 -30.58
N LEU B 32 -27.97 -51.90 -30.48
CA LEU B 32 -28.42 -50.57 -30.10
C LEU B 32 -27.74 -50.12 -28.83
N ILE B 33 -27.76 -50.96 -27.80
CA ILE B 33 -27.19 -50.56 -26.52
C ILE B 33 -25.74 -50.16 -26.71
N LYS B 34 -24.96 -51.01 -27.37
CA LYS B 34 -23.55 -50.70 -27.58
C LYS B 34 -23.41 -49.35 -28.27
N SER B 35 -24.17 -49.15 -29.35
CA SER B 35 -24.06 -47.90 -30.09
C SER B 35 -24.32 -46.72 -29.16
N ALA B 36 -25.37 -46.81 -28.35
CA ALA B 36 -25.69 -45.72 -27.44
C ALA B 36 -24.47 -45.34 -26.61
N ILE B 37 -23.85 -46.34 -25.98
CA ILE B 37 -22.70 -46.04 -25.13
C ILE B 37 -21.59 -45.42 -25.96
N LYS B 38 -21.32 -45.98 -27.14
CA LYS B 38 -20.24 -45.45 -27.95
C LYS B 38 -20.52 -44.03 -28.41
N ASN B 39 -21.78 -43.61 -28.42
CA ASN B 39 -22.10 -42.24 -28.80
C ASN B 39 -22.17 -41.29 -27.62
N THR B 40 -22.09 -41.79 -26.40
CA THR B 40 -22.16 -40.92 -25.23
C THR B 40 -20.80 -40.63 -24.62
N PHE B 41 -19.86 -41.57 -24.72
CA PHE B 41 -18.52 -41.41 -24.18
C PHE B 41 -17.52 -41.80 -25.27
N PRO B 42 -17.39 -40.99 -26.31
CA PRO B 42 -16.53 -41.38 -27.43
C PRO B 42 -15.04 -41.38 -27.10
N ASN B 43 -14.62 -40.69 -26.04
CA ASN B 43 -13.21 -40.54 -25.74
C ASN B 43 -12.78 -41.25 -24.47
N ILE B 44 -13.71 -41.84 -23.72
CA ILE B 44 -13.34 -42.52 -22.49
C ILE B 44 -12.66 -43.84 -22.85
N SER B 45 -11.44 -44.03 -22.36
CA SER B 45 -10.70 -45.25 -22.65
C SER B 45 -9.96 -45.82 -21.44
N GLN B 46 -10.07 -45.21 -20.27
CA GLN B 46 -9.45 -45.73 -19.06
C GLN B 46 -10.45 -45.63 -17.92
N ALA B 47 -10.11 -46.27 -16.80
CA ALA B 47 -11.00 -46.30 -15.66
C ALA B 47 -11.20 -44.90 -15.08
N VAL B 48 -12.43 -44.61 -14.66
CA VAL B 48 -12.77 -43.37 -14.00
C VAL B 48 -13.06 -43.71 -12.54
N THR B 49 -12.16 -43.31 -11.65
CA THR B 49 -12.21 -43.74 -10.26
C THR B 49 -12.92 -42.75 -9.34
N VAL B 50 -13.38 -41.61 -9.86
CA VAL B 50 -14.06 -40.64 -9.00
C VAL B 50 -15.42 -41.17 -8.61
N THR B 51 -15.97 -40.60 -7.54
CA THR B 51 -17.26 -41.01 -7.01
C THR B 51 -18.36 -40.09 -7.53
N ALA B 52 -19.60 -40.44 -7.21
CA ALA B 52 -20.74 -39.66 -7.69
C ALA B 52 -20.74 -38.26 -7.08
N ALA B 53 -20.40 -38.15 -5.81
CA ALA B 53 -20.43 -36.85 -5.15
C ALA B 53 -19.43 -35.88 -5.76
N GLN B 54 -18.24 -36.37 -6.08
CA GLN B 54 -17.23 -35.50 -6.68
C GLN B 54 -17.68 -34.99 -8.04
N LEU B 55 -18.28 -35.87 -8.85
CA LEU B 55 -18.79 -35.44 -10.15
C LEU B 55 -19.94 -34.45 -9.99
N ASN B 56 -20.82 -34.68 -9.00
CA ASN B 56 -21.91 -33.76 -8.76
C ASN B 56 -21.40 -32.39 -8.33
N ALA B 57 -20.29 -32.35 -7.58
CA ALA B 57 -19.73 -31.09 -7.12
C ALA B 57 -19.27 -30.19 -8.25
N VAL B 58 -19.13 -30.71 -9.47
CA VAL B 58 -18.72 -29.88 -10.60
C VAL B 58 -19.76 -28.82 -10.90
N ALA B 59 -21.04 -29.13 -10.67
CA ALA B 59 -22.10 -28.17 -10.94
C ALA B 59 -21.96 -26.88 -10.15
N ASP B 60 -21.35 -26.94 -8.97
CA ASP B 60 -21.15 -25.74 -8.17
C ASP B 60 -20.24 -24.75 -8.90
N THR B 61 -20.64 -23.48 -8.89
CA THR B 61 -19.86 -22.44 -9.55
C THR B 61 -19.25 -21.44 -8.58
N THR B 62 -19.65 -21.46 -7.30
CA THR B 62 -18.95 -20.64 -6.30
C THR B 62 -17.50 -21.06 -6.18
N GLN B 63 -17.20 -22.32 -6.49
CA GLN B 63 -15.83 -22.79 -6.56
C GLN B 63 -15.07 -22.21 -7.74
N TYR B 64 -15.76 -21.55 -8.66
CA TYR B 64 -15.18 -21.13 -9.93
C TYR B 64 -14.91 -19.64 -9.87
N VAL B 65 -13.69 -19.23 -10.19
CA VAL B 65 -13.32 -17.83 -10.14
C VAL B 65 -13.89 -17.13 -11.37
N LYS B 66 -14.77 -16.17 -11.14
CA LYS B 66 -15.48 -15.50 -12.22
C LYS B 66 -14.57 -14.49 -12.92
N PRO B 67 -14.91 -14.09 -14.13
CA PRO B 67 -14.22 -12.96 -14.74
C PRO B 67 -14.50 -11.68 -13.97
N GLY B 68 -13.48 -10.83 -13.87
CA GLY B 68 -13.67 -9.53 -13.26
C GLY B 68 -12.73 -9.19 -12.14
N MET B 69 -12.44 -10.14 -11.25
CA MET B 69 -11.52 -9.85 -10.16
C MET B 69 -10.09 -9.73 -10.67
N VAL B 70 -9.27 -9.06 -9.86
CA VAL B 70 -7.88 -8.79 -10.19
C VAL B 70 -7.00 -9.47 -9.16
N ILE B 71 -5.84 -9.96 -9.63
CA ILE B 71 -4.89 -10.66 -8.79
C ILE B 71 -3.53 -10.02 -9.01
N MET B 72 -2.63 -10.18 -8.05
CA MET B 72 -1.24 -9.81 -8.22
C MET B 72 -0.38 -11.06 -8.45
N TRP B 73 0.59 -10.91 -9.33
CA TRP B 73 1.31 -12.02 -9.93
C TRP B 73 2.79 -11.88 -9.62
N ALA B 74 3.42 -12.99 -9.23
CA ALA B 74 4.84 -13.01 -8.87
C ALA B 74 5.73 -13.51 -9.99
N GLY B 75 5.16 -13.97 -11.10
CA GLY B 75 5.94 -14.45 -12.22
C GLY B 75 6.29 -13.35 -13.21
N SER B 76 7.01 -13.75 -14.25
CA SER B 76 7.38 -12.79 -15.29
C SER B 76 6.19 -12.47 -16.17
N LEU B 77 6.35 -11.41 -16.98
CA LEU B 77 5.27 -11.00 -17.86
C LEU B 77 4.99 -12.03 -18.94
N ALA B 78 6.02 -12.71 -19.44
CA ALA B 78 5.83 -13.69 -20.50
C ALA B 78 5.01 -14.88 -20.01
N GLN B 79 5.21 -15.29 -18.76
CA GLN B 79 4.54 -16.45 -18.19
C GLN B 79 3.22 -16.09 -17.51
N ILE B 80 2.58 -15.00 -17.91
CA ILE B 80 1.28 -14.63 -17.35
C ILE B 80 0.24 -15.66 -17.78
N PRO B 81 -0.57 -16.18 -16.86
CA PRO B 81 -1.55 -17.20 -17.23
C PRO B 81 -2.55 -16.69 -18.26
N ALA B 82 -3.01 -17.59 -19.11
CA ALA B 82 -3.97 -17.22 -20.16
C ALA B 82 -5.28 -16.76 -19.54
N GLY B 83 -5.92 -15.82 -20.20
CA GLY B 83 -7.14 -15.22 -19.69
C GLY B 83 -6.93 -14.12 -18.69
N TRP B 84 -5.68 -13.72 -18.43
CA TRP B 84 -5.37 -12.63 -17.52
C TRP B 84 -4.54 -11.58 -18.27
N LYS B 85 -4.96 -10.33 -18.15
CA LYS B 85 -4.31 -9.21 -18.82
C LYS B 85 -3.79 -8.23 -17.78
N LEU B 86 -2.62 -7.64 -18.06
CA LEU B 86 -2.01 -6.72 -17.10
C LEU B 86 -2.93 -5.55 -16.80
N CYS B 87 -3.03 -5.20 -15.52
CA CYS B 87 -3.92 -4.13 -15.07
C CYS B 87 -3.29 -2.77 -15.38
N ASN B 88 -3.22 -2.47 -16.67
CA ASN B 88 -2.65 -1.23 -17.15
C ASN B 88 -3.68 -0.11 -17.27
N GLY B 89 -4.94 -0.36 -16.90
CA GLY B 89 -5.98 0.62 -17.07
C GLY B 89 -6.47 0.77 -18.49
N VAL B 90 -6.15 -0.16 -19.37
CA VAL B 90 -6.52 -0.10 -20.78
C VAL B 90 -7.48 -1.24 -21.08
N GLY B 91 -8.61 -0.91 -21.70
CA GLY B 91 -9.57 -1.92 -22.10
C GLY B 91 -10.56 -2.27 -21.00
N THR B 92 -11.47 -3.18 -21.34
CA THR B 92 -12.47 -3.70 -20.43
C THR B 92 -12.42 -5.22 -20.44
N THR B 93 -13.23 -5.83 -19.58
CA THR B 93 -13.29 -7.27 -19.48
C THR B 93 -14.26 -7.83 -20.53
N SER B 94 -14.45 -9.15 -20.50
CA SER B 94 -15.40 -9.78 -21.40
C SER B 94 -16.82 -9.33 -21.09
N ASN B 95 -17.16 -9.19 -19.81
CA ASN B 95 -18.47 -8.69 -19.41
C ASN B 95 -18.55 -7.17 -19.38
N GLY B 96 -17.45 -6.48 -19.68
CA GLY B 96 -17.46 -5.04 -19.82
C GLY B 96 -16.93 -4.26 -18.64
N ILE B 97 -16.38 -4.92 -17.62
CA ILE B 97 -15.82 -4.21 -16.48
C ILE B 97 -14.55 -3.49 -16.92
N PRO B 98 -14.47 -2.17 -16.73
CA PRO B 98 -13.26 -1.44 -17.13
C PRO B 98 -12.04 -1.92 -16.36
N VAL B 99 -10.89 -1.95 -17.05
CA VAL B 99 -9.64 -2.36 -16.43
C VAL B 99 -9.10 -1.21 -15.60
N PRO B 100 -8.89 -1.39 -14.30
CA PRO B 100 -8.23 -0.34 -13.51
C PRO B 100 -6.74 -0.30 -13.78
N ASN B 101 -6.14 0.84 -13.48
CA ASN B 101 -4.71 1.05 -13.65
C ASN B 101 -4.03 0.95 -12.30
N LEU B 102 -3.15 -0.03 -12.16
CA LEU B 102 -2.41 -0.25 -10.92
C LEU B 102 -0.92 0.00 -11.06
N ILE B 103 -0.47 0.47 -12.22
CA ILE B 103 0.95 0.74 -12.41
C ILE B 103 1.35 1.91 -11.50
N GLY B 104 2.31 1.67 -10.62
CA GLY B 104 2.73 2.69 -9.68
C GLY B 104 1.62 3.15 -8.76
N ALA B 105 0.83 2.20 -8.26
CA ALA B 105 -0.31 2.53 -7.40
C ALA B 105 -0.31 1.58 -6.21
N PHE B 106 -1.34 1.73 -5.38
CA PHE B 106 -1.56 0.89 -4.22
C PHE B 106 -3.05 0.57 -4.11
N PRO B 107 -3.41 -0.58 -3.55
CA PRO B 107 -4.82 -0.96 -3.46
C PRO B 107 -5.52 -0.20 -2.34
N TRP B 108 -6.40 0.73 -2.72
CA TRP B 108 -7.13 1.55 -1.77
C TRP B 108 -8.56 1.04 -1.67
N GLY B 109 -8.89 0.42 -0.54
CA GLY B 109 -10.22 -0.10 -0.31
C GLY B 109 -11.28 0.98 -0.22
N ILE B 110 -12.31 0.88 -1.05
CA ILE B 110 -13.37 1.88 -1.11
C ILE B 110 -14.71 1.17 -0.95
N ASP B 111 -15.69 1.90 -0.43
CA ASP B 111 -17.02 1.37 -0.17
C ASP B 111 -18.01 1.66 -1.29
N GLY B 112 -17.54 2.15 -2.43
CA GLY B 112 -18.40 2.44 -3.55
C GLY B 112 -19.12 3.78 -3.49
N SER B 113 -18.93 4.54 -2.42
CA SER B 113 -19.53 5.86 -2.28
C SER B 113 -18.51 6.97 -2.13
N SER B 114 -17.46 6.75 -1.33
CA SER B 114 -16.43 7.77 -1.15
C SER B 114 -15.70 8.04 -2.46
N GLN B 115 -15.30 6.98 -3.15
CA GLN B 115 -14.59 7.10 -4.42
C GLN B 115 -15.18 6.12 -5.42
N ALA B 116 -15.02 6.45 -6.70
CA ALA B 116 -15.39 5.52 -7.76
C ALA B 116 -14.33 4.44 -7.91
N VAL B 117 -14.71 3.35 -8.54
CA VAL B 117 -13.79 2.24 -8.75
C VAL B 117 -12.69 2.67 -9.72
N GLY B 118 -11.44 2.40 -9.33
CA GLY B 118 -10.31 2.77 -10.15
C GLY B 118 -9.80 4.19 -9.95
N THR B 119 -10.34 4.91 -8.98
CA THR B 119 -9.89 6.28 -8.74
C THR B 119 -8.45 6.29 -8.22
N ARG B 120 -7.66 7.23 -8.73
CA ARG B 120 -6.25 7.36 -8.37
C ARG B 120 -6.04 8.68 -7.65
N GLY B 121 -5.29 8.65 -6.55
CA GLY B 121 -4.97 9.84 -5.81
C GLY B 121 -3.63 9.69 -5.11
N GLY B 122 -3.16 10.80 -4.55
CA GLY B 122 -1.89 10.81 -3.84
C GLY B 122 -0.70 10.74 -4.76
N SER B 123 0.45 11.24 -4.30
CA SER B 123 1.66 11.22 -5.11
C SER B 123 2.87 11.10 -4.20
N ALA B 124 3.98 10.63 -4.78
CA ALA B 124 5.24 10.51 -4.06
C ALA B 124 5.98 11.84 -3.95
N ASN B 125 5.59 12.84 -4.75
CA ASN B 125 6.21 14.16 -4.68
C ASN B 125 5.18 15.16 -5.19
N ILE B 126 4.56 15.89 -4.26
CA ILE B 126 3.50 16.84 -4.59
C ILE B 126 4.01 18.29 -4.56
N VAL B 127 4.42 18.77 -3.38
CA VAL B 127 4.92 20.14 -3.24
C VAL B 127 5.69 20.21 -1.93
N TRP B 128 6.51 21.23 -1.77
CA TRP B 128 7.34 21.37 -0.58
C TRP B 128 7.64 22.84 -0.33
N ASP B 129 7.40 23.31 0.89
CA ASP B 129 7.67 24.69 1.26
C ASP B 129 8.12 24.76 2.71
N GLY B 130 9.18 25.51 2.97
CA GLY B 130 9.68 25.71 4.32
C GLY B 130 9.30 27.08 4.84
N PHE B 131 8.86 27.14 6.09
CA PHE B 131 8.39 28.40 6.67
C PHE B 131 8.43 28.30 8.20
N THR B 132 9.33 29.06 8.81
CA THR B 132 9.36 29.19 10.27
C THR B 132 8.53 30.41 10.68
N GLU B 133 8.67 30.82 11.93
CA GLU B 133 8.05 32.05 12.42
C GLU B 133 9.06 32.80 13.28
N GLY B 134 8.80 34.09 13.48
CA GLY B 134 9.66 34.90 14.29
C GLY B 134 9.48 34.64 15.77
N THR B 135 10.45 35.13 16.55
CA THR B 135 10.45 35.00 17.99
C THR B 135 10.74 36.35 18.62
N ALA B 136 10.01 36.67 19.69
CA ALA B 136 10.22 37.91 20.43
C ALA B 136 11.57 37.81 21.13
N LEU B 137 12.55 38.57 20.64
CA LEU B 137 13.91 38.48 21.15
C LEU B 137 14.03 39.21 22.48
N THR B 138 14.63 38.53 23.46
CA THR B 138 14.87 39.13 24.77
C THR B 138 16.00 40.15 24.68
N LEU B 139 16.15 40.92 25.77
CA LEU B 139 17.20 41.92 25.81
C LEU B 139 18.58 41.28 25.74
N ALA B 140 18.71 40.05 26.21
CA ALA B 140 19.97 39.33 26.16
C ALA B 140 20.23 38.64 24.82
N GLN B 141 19.29 38.73 23.88
CA GLN B 141 19.42 38.04 22.61
C GLN B 141 20.57 38.58 21.77
N ILE B 142 20.93 39.85 21.97
CA ILE B 142 22.00 40.48 21.20
C ILE B 142 23.34 39.87 21.60
N PRO B 143 24.32 39.84 20.71
CA PRO B 143 25.64 39.29 21.05
C PRO B 143 26.42 40.24 21.95
N ALA B 144 27.65 39.85 22.25
CA ALA B 144 28.56 40.67 23.07
C ALA B 144 29.17 41.73 22.16
N HIS B 145 28.42 42.81 21.94
CA HIS B 145 28.84 43.88 21.06
C HIS B 145 28.78 45.21 21.79
N THR B 146 29.62 46.15 21.35
CA THR B 146 29.71 47.47 21.94
C THR B 146 29.70 48.52 20.83
N HIS B 147 29.56 49.77 21.25
CA HIS B 147 29.63 50.92 20.34
C HIS B 147 30.71 51.86 20.83
N THR B 148 31.67 52.16 19.96
CA THR B 148 32.74 53.09 20.33
C THR B 148 32.19 54.51 20.39
N TRP B 149 32.83 55.33 21.23
CA TRP B 149 32.46 56.74 21.37
C TRP B 149 33.45 57.54 20.54
N ARG B 150 33.12 57.75 19.27
CA ARG B 150 33.90 58.57 18.37
C ARG B 150 33.20 59.91 18.16
N SER B 151 33.96 60.99 18.21
CA SER B 151 33.41 62.34 18.13
C SER B 151 33.58 62.86 16.72
N ARG B 152 32.49 63.30 16.12
CA ARG B 152 32.52 63.79 14.75
C ARG B 152 33.31 65.09 14.67
N GLY B 153 34.12 65.20 13.62
CA GLY B 153 34.93 66.37 13.38
C GLY B 153 35.85 66.70 14.55
N ALA B 154 36.27 67.96 14.60
CA ALA B 154 37.06 68.49 15.71
C ALA B 154 36.12 68.90 16.84
N THR B 155 35.53 67.89 17.48
CA THR B 155 34.51 68.12 18.49
C THR B 155 35.11 68.82 19.70
N THR B 156 34.52 69.95 20.08
CA THR B 156 34.94 70.71 21.25
C THR B 156 33.73 70.97 22.15
N LEU B 157 33.92 70.73 23.44
CA LEU B 157 32.86 71.00 24.40
C LEU B 157 32.87 72.47 24.80
N THR B 158 31.69 73.06 24.86
CA THR B 158 31.53 74.44 25.32
C THR B 158 31.42 74.51 26.84
N GLY B 159 32.38 73.90 27.52
CA GLY B 159 32.38 73.86 28.97
C GLY B 159 33.32 74.87 29.60
N SER B 160 32.76 75.96 30.11
CA SER B 160 33.52 77.00 30.76
C SER B 160 32.86 77.31 32.10
N ALA B 161 33.32 78.36 32.77
CA ALA B 161 32.76 78.78 34.05
C ALA B 161 31.53 79.64 33.77
N GLY B 162 30.42 78.98 33.46
CA GLY B 162 29.17 79.69 33.20
C GLY B 162 28.39 79.14 32.03
N ASP B 163 29.07 78.52 31.08
CA ASP B 163 28.43 77.96 29.89
C ASP B 163 28.25 76.46 30.08
N SER B 164 27.05 75.96 29.74
CA SER B 164 26.77 74.55 29.87
C SER B 164 27.64 73.73 28.93
N GLY B 165 28.25 72.67 29.46
CA GLY B 165 29.11 71.83 28.66
C GLY B 165 28.37 71.03 27.61
N ALA B 166 28.52 71.43 26.35
CA ALA B 166 27.88 70.76 25.23
C ALA B 166 28.94 70.42 24.19
N LEU B 167 28.98 69.15 23.78
CA LEU B 167 29.95 68.68 22.80
C LEU B 167 29.53 69.16 21.42
N THR B 168 29.76 70.46 21.18
CA THR B 168 29.41 71.09 19.91
C THR B 168 30.51 70.79 18.92
N GLY B 169 30.35 69.69 18.18
CA GLY B 169 31.35 69.26 17.23
C GLY B 169 30.94 69.45 15.78
N GLY B 170 31.59 70.39 15.10
CA GLY B 170 31.34 70.63 13.70
C GLY B 170 32.07 69.63 12.81
N SER B 171 31.86 69.78 11.51
CA SER B 171 32.50 68.91 10.54
C SER B 171 34.00 69.15 10.52
N GLY B 172 34.76 68.08 10.30
CA GLY B 172 36.20 68.18 10.25
C GLY B 172 36.85 66.83 10.45
N ASN B 173 38.10 66.85 10.91
CA ASN B 173 38.84 65.63 11.17
C ASN B 173 38.23 64.89 12.35
N ALA B 174 37.66 63.72 12.07
CA ALA B 174 36.96 62.94 13.10
C ALA B 174 37.98 62.45 14.13
N ALA B 175 37.95 63.05 15.32
CA ALA B 175 38.87 62.68 16.40
C ALA B 175 38.25 61.50 17.15
N ASN B 176 38.81 60.31 16.92
CA ASN B 176 38.30 59.09 17.52
C ASN B 176 38.97 58.88 18.87
N THR B 177 38.26 59.22 19.94
CA THR B 177 38.75 58.96 21.29
C THR B 177 38.60 57.48 21.61
N ASN B 178 39.53 56.97 22.42
CA ASN B 178 39.52 55.56 22.82
C ASN B 178 38.50 55.35 23.94
N LEU B 179 37.26 55.69 23.64
CA LEU B 179 36.14 55.55 24.57
C LEU B 179 35.15 54.54 24.03
N GLU B 180 34.78 53.57 24.86
CA GLU B 180 33.89 52.48 24.47
C GLU B 180 32.69 52.46 25.40
N THR B 181 31.49 52.44 24.81
CA THR B 181 30.27 52.39 25.60
C THR B 181 30.02 50.96 26.10
N GLY B 182 29.15 50.87 27.11
CA GLY B 182 28.84 49.60 27.73
C GLY B 182 28.22 48.60 26.79
N PRO B 183 28.87 47.44 26.62
CA PRO B 183 28.29 46.39 25.80
C PRO B 183 27.03 45.82 26.43
N ALA B 184 26.15 45.31 25.58
CA ALA B 184 24.88 44.73 26.01
C ALA B 184 24.66 43.40 25.31
N GLY B 185 24.22 42.40 26.08
CA GLY B 185 23.85 41.11 25.54
C GLY B 185 25.05 40.23 25.25
N GLN B 186 24.75 38.94 24.99
CA GLN B 186 25.78 37.99 24.62
C GLN B 186 25.33 37.00 23.55
N GLY B 187 24.12 37.14 23.00
CA GLY B 187 23.67 36.26 21.94
C GLY B 187 23.18 34.91 22.42
N GLN B 188 22.10 34.90 23.19
CA GLN B 188 21.58 33.67 23.77
C GLN B 188 20.61 33.02 22.77
N THR B 189 19.97 31.92 23.20
CA THR B 189 19.24 31.03 22.30
C THR B 189 17.85 31.58 22.02
N HIS B 190 17.57 31.84 20.75
CA HIS B 190 16.25 32.25 20.29
C HIS B 190 15.63 31.11 19.48
N ASN B 191 14.45 30.65 19.91
CA ASN B 191 13.84 29.45 19.38
C ASN B 191 12.55 29.79 18.64
N HIS B 192 12.25 29.00 17.61
CA HIS B 192 11.05 29.20 16.79
C HIS B 192 10.38 27.84 16.56
N ALA B 193 9.34 27.86 15.73
CA ALA B 193 8.64 26.66 15.29
C ALA B 193 8.59 26.64 13.77
N VAL B 194 8.00 25.58 13.22
CA VAL B 194 7.92 25.39 11.77
C VAL B 194 6.47 25.10 11.40
N LYS B 195 6.06 25.59 10.23
CA LYS B 195 4.75 25.32 9.65
C LYS B 195 4.92 24.79 8.22
N ILE B 196 5.79 23.79 8.08
CA ILE B 196 6.19 23.31 6.77
C ILE B 196 4.98 22.83 5.96
N ASN B 197 5.02 23.08 4.66
CA ASN B 197 4.02 22.58 3.73
C ASN B 197 4.65 21.36 3.06
N MET B 198 4.25 20.17 3.51
CA MET B 198 4.96 18.93 3.19
C MET B 198 3.97 17.88 2.70
N PRO B 199 3.59 17.93 1.42
CA PRO B 199 2.87 16.78 0.82
C PRO B 199 3.73 15.80 0.04
N LEU B 200 5.07 15.94 -0.01
CA LEU B 200 5.86 14.99 -0.78
C LEU B 200 5.75 13.58 -0.22
N GLY B 201 5.27 12.65 -1.03
CA GLY B 201 4.97 11.30 -0.55
C GLY B 201 6.23 10.56 -0.11
N ASN B 202 6.17 9.96 1.07
CA ASN B 202 7.21 9.08 1.59
C ASN B 202 6.68 7.65 1.54
N ILE B 203 7.04 6.93 0.49
CA ILE B 203 6.49 5.59 0.26
C ILE B 203 7.02 4.63 1.31
N PRO B 204 6.14 3.96 2.04
CA PRO B 204 6.58 2.95 3.01
C PRO B 204 7.16 1.74 2.31
N PRO B 205 7.73 0.78 3.05
CA PRO B 205 8.29 -0.41 2.40
C PRO B 205 7.24 -1.16 1.59
N PHE B 206 7.65 -1.63 0.41
CA PHE B 206 6.74 -2.31 -0.50
C PHE B 206 7.47 -3.46 -1.17
N CYS B 207 6.76 -4.12 -2.09
CA CYS B 207 7.32 -5.15 -2.95
C CYS B 207 6.76 -4.98 -4.34
N SER B 208 7.53 -5.39 -5.34
CA SER B 208 7.18 -5.21 -6.74
C SER B 208 6.51 -6.49 -7.24
N VAL B 209 5.21 -6.40 -7.54
CA VAL B 209 4.44 -7.52 -8.06
C VAL B 209 3.54 -7.02 -9.17
N PHE B 210 3.33 -7.87 -10.18
CA PHE B 210 2.48 -7.49 -11.30
C PHE B 210 1.01 -7.53 -10.88
N PHE B 211 0.15 -6.92 -11.68
CA PHE B 211 -1.28 -6.92 -11.44
C PHE B 211 -1.99 -7.31 -12.73
N ILE B 212 -2.75 -8.41 -12.69
CA ILE B 212 -3.44 -8.94 -13.86
C ILE B 212 -4.89 -9.21 -13.50
N ILE B 213 -5.78 -8.88 -14.43
CA ILE B 213 -7.22 -9.08 -14.28
C ILE B 213 -7.63 -10.27 -15.13
N LYS B 214 -8.48 -11.12 -14.58
CA LYS B 214 -9.03 -12.22 -15.35
C LYS B 214 -9.99 -11.69 -16.41
N ASN B 215 -9.70 -11.98 -17.67
CA ASN B 215 -10.49 -11.45 -18.78
C ASN B 215 -11.93 -11.95 -18.71
N GLY C 2 -28.07 -66.15 -12.73
CA GLY C 2 -29.51 -65.98 -12.83
C GLY C 2 -29.91 -64.54 -13.11
N LEU C 3 -30.83 -64.03 -12.31
CA LEU C 3 -31.31 -62.66 -12.43
C LEU C 3 -31.21 -61.98 -11.09
N GLU C 4 -30.80 -60.71 -11.11
CA GLU C 4 -30.58 -59.96 -9.88
C GLU C 4 -31.29 -58.61 -9.97
N VAL C 5 -31.51 -58.02 -8.81
CA VAL C 5 -32.13 -56.70 -8.70
C VAL C 5 -31.04 -55.66 -8.57
N ALA C 6 -31.00 -54.72 -9.51
CA ALA C 6 -30.00 -53.68 -9.52
C ALA C 6 -30.64 -52.36 -9.90
N THR C 7 -30.42 -51.33 -9.09
CA THR C 7 -30.90 -49.99 -9.39
C THR C 7 -29.84 -49.14 -10.07
N TYR C 8 -28.59 -49.22 -9.62
CA TYR C 8 -27.48 -48.50 -10.21
C TYR C 8 -26.47 -49.50 -10.76
N ILE C 9 -25.58 -48.98 -11.62
CA ILE C 9 -24.66 -49.85 -12.34
C ILE C 9 -23.71 -50.61 -11.40
N ASN C 10 -23.48 -50.07 -10.19
CA ASN C 10 -22.58 -50.75 -9.26
C ASN C 10 -23.14 -52.08 -8.79
N GLN C 11 -24.45 -52.31 -8.92
CA GLN C 11 -25.07 -53.54 -8.46
C GLN C 11 -25.20 -54.59 -9.56
N LEU C 12 -24.71 -54.31 -10.76
CA LEU C 12 -24.75 -55.29 -11.84
C LEU C 12 -23.80 -56.43 -11.54
N VAL C 13 -24.22 -57.65 -11.89
CA VAL C 13 -23.42 -58.86 -11.68
C VAL C 13 -22.84 -59.26 -13.03
N PRO C 14 -21.52 -59.15 -13.25
CA PRO C 14 -20.96 -59.41 -14.57
C PRO C 14 -20.90 -60.89 -14.95
N THR C 15 -21.51 -61.78 -14.17
CA THR C 15 -21.52 -63.21 -14.49
C THR C 15 -22.90 -63.82 -14.33
N ASN C 16 -23.93 -63.00 -14.07
CA ASN C 16 -25.24 -63.54 -13.73
C ASN C 16 -25.86 -64.37 -14.85
N PRO C 17 -25.94 -63.88 -16.11
CA PRO C 17 -26.55 -64.72 -17.15
C PRO C 17 -25.63 -65.85 -17.58
N THR C 18 -25.56 -66.91 -16.79
CA THR C 18 -24.71 -68.04 -17.11
C THR C 18 -25.27 -68.82 -18.29
N GLY C 19 -24.44 -69.70 -18.84
CA GLY C 19 -24.84 -70.47 -20.00
C GLY C 19 -26.01 -71.40 -19.73
N SER C 20 -26.16 -71.86 -18.48
CA SER C 20 -27.23 -72.78 -18.14
C SER C 20 -28.56 -72.08 -17.90
N ASP C 21 -28.58 -70.77 -17.78
CA ASP C 21 -29.83 -70.06 -17.52
C ASP C 21 -30.76 -70.17 -18.72
N LEU C 22 -32.06 -70.12 -18.45
CA LEU C 22 -33.06 -70.21 -19.50
C LEU C 22 -33.11 -68.91 -20.30
N LYS C 23 -33.51 -69.03 -21.56
CA LYS C 23 -33.63 -67.85 -22.41
C LYS C 23 -34.87 -67.03 -22.11
N SER C 24 -35.85 -67.60 -21.42
CA SER C 24 -37.08 -66.86 -21.14
C SER C 24 -36.82 -65.64 -20.27
N PHE C 25 -35.72 -65.64 -19.52
CA PHE C 25 -35.35 -64.48 -18.71
C PHE C 25 -34.50 -63.48 -19.48
N GLY C 26 -33.98 -63.85 -20.65
CA GLY C 26 -33.03 -62.99 -21.34
C GLY C 26 -33.59 -61.61 -21.61
N ASP C 27 -34.85 -61.54 -22.04
CA ASP C 27 -35.49 -60.25 -22.26
C ASP C 27 -35.36 -59.36 -21.03
N ASP C 28 -35.70 -59.91 -19.87
CA ASP C 28 -35.60 -59.14 -18.63
C ASP C 28 -34.19 -58.58 -18.46
N HIS C 29 -33.18 -59.42 -18.68
CA HIS C 29 -31.80 -58.96 -18.57
C HIS C 29 -31.59 -57.70 -19.38
N LEU C 30 -32.00 -57.72 -20.66
CA LEU C 30 -31.85 -56.55 -21.50
C LEU C 30 -32.48 -55.34 -20.84
N ARG C 31 -33.75 -55.47 -20.44
CA ARG C 31 -34.43 -54.37 -19.78
C ARG C 31 -33.61 -53.88 -18.60
N LEU C 32 -33.16 -54.81 -17.76
CA LEU C 32 -32.40 -54.44 -16.58
C LEU C 32 -31.24 -53.53 -16.95
N ILE C 33 -30.47 -53.94 -17.96
CA ILE C 33 -29.29 -53.16 -18.33
C ILE C 33 -29.70 -51.73 -18.65
N LYS C 34 -30.71 -51.59 -19.52
CA LYS C 34 -31.16 -50.26 -19.88
C LYS C 34 -31.53 -49.47 -18.64
N SER C 35 -32.33 -50.08 -17.76
CA SER C 35 -32.76 -49.39 -16.56
C SER C 35 -31.56 -48.85 -15.80
N ALA C 36 -30.53 -49.68 -15.63
CA ALA C 36 -29.36 -49.26 -14.88
C ALA C 36 -28.81 -47.95 -15.41
N ILE C 37 -28.60 -47.89 -16.73
CA ILE C 37 -28.03 -46.68 -17.31
C ILE C 37 -28.94 -45.50 -17.04
N LYS C 38 -30.24 -45.69 -17.23
CA LYS C 38 -31.17 -44.57 -17.04
C LYS C 38 -31.24 -44.11 -15.60
N ASN C 39 -30.78 -44.94 -14.66
CA ASN C 39 -30.77 -44.55 -13.26
C ASN C 39 -29.42 -43.97 -12.83
N THR C 40 -28.41 -44.03 -13.69
CA THR C 40 -27.09 -43.51 -13.35
C THR C 40 -26.78 -42.18 -14.01
N PHE C 41 -27.25 -41.97 -15.23
CA PHE C 41 -27.05 -40.72 -15.95
C PHE C 41 -28.39 -40.22 -16.45
N PRO C 42 -29.26 -39.76 -15.54
CA PRO C 42 -30.61 -39.36 -15.95
C PRO C 42 -30.65 -38.08 -16.77
N ASN C 43 -29.59 -37.28 -16.76
CA ASN C 43 -29.59 -35.99 -17.43
C ASN C 43 -28.67 -35.91 -18.64
N ILE C 44 -27.81 -36.91 -18.85
CA ILE C 44 -26.88 -36.86 -19.95
C ILE C 44 -27.63 -37.06 -21.26
N SER C 45 -27.47 -36.11 -22.18
CA SER C 45 -28.11 -36.21 -23.49
C SER C 45 -27.17 -35.89 -24.65
N GLN C 46 -26.06 -35.21 -24.42
CA GLN C 46 -25.10 -34.88 -25.47
C GLN C 46 -23.83 -35.71 -25.29
N ALA C 47 -22.94 -35.59 -26.27
CA ALA C 47 -21.67 -36.31 -26.21
C ALA C 47 -20.78 -35.71 -25.14
N VAL C 48 -20.13 -36.58 -24.38
CA VAL C 48 -19.17 -36.19 -23.36
C VAL C 48 -17.78 -36.42 -23.94
N THR C 49 -17.12 -35.35 -24.36
CA THR C 49 -15.87 -35.45 -25.11
C THR C 49 -14.63 -35.47 -24.23
N VAL C 50 -14.77 -35.26 -22.93
CA VAL C 50 -13.60 -35.26 -22.06
C VAL C 50 -13.04 -36.67 -21.94
N THR C 51 -11.78 -36.76 -21.53
CA THR C 51 -11.09 -38.03 -21.38
C THR C 51 -11.09 -38.47 -19.93
N ALA C 52 -10.57 -39.68 -19.70
CA ALA C 52 -10.52 -40.22 -18.35
C ALA C 52 -9.61 -39.40 -17.45
N ALA C 53 -8.49 -38.91 -17.99
CA ALA C 53 -7.56 -38.13 -17.17
C ALA C 53 -8.21 -36.85 -16.68
N GLN C 54 -8.91 -36.14 -17.56
CA GLN C 54 -9.58 -34.90 -17.16
C GLN C 54 -10.63 -35.16 -16.10
N LEU C 55 -11.40 -36.23 -16.24
CA LEU C 55 -12.39 -36.56 -15.24
C LEU C 55 -11.74 -36.90 -13.91
N ASN C 56 -10.63 -37.65 -13.94
CA ASN C 56 -9.95 -37.99 -12.70
C ASN C 56 -9.32 -36.76 -12.05
N ALA C 57 -9.00 -35.74 -12.86
CA ALA C 57 -8.42 -34.52 -12.31
C ALA C 57 -9.40 -33.76 -11.42
N VAL C 58 -10.69 -34.09 -11.48
CA VAL C 58 -11.67 -33.41 -10.65
C VAL C 58 -11.42 -33.69 -9.17
N ALA C 59 -10.96 -34.91 -8.85
CA ALA C 59 -10.76 -35.28 -7.46
C ALA C 59 -9.79 -34.37 -6.74
N ASP C 60 -8.86 -33.74 -7.46
CA ASP C 60 -7.95 -32.79 -6.84
C ASP C 60 -8.72 -31.59 -6.29
N THR C 61 -8.42 -31.21 -5.06
CA THR C 61 -9.06 -30.08 -4.42
C THR C 61 -8.12 -28.92 -4.17
N THR C 62 -6.80 -29.13 -4.29
CA THR C 62 -5.87 -28.02 -4.11
C THR C 62 -6.07 -26.94 -5.17
N GLN C 63 -6.53 -27.33 -6.35
CA GLN C 63 -6.85 -26.36 -7.39
C GLN C 63 -7.97 -25.43 -6.93
N TYR C 64 -9.01 -25.98 -6.31
CA TYR C 64 -10.19 -25.20 -5.97
C TYR C 64 -9.87 -24.19 -4.88
N VAL C 65 -10.61 -23.08 -4.89
CA VAL C 65 -10.38 -21.97 -3.96
C VAL C 65 -11.12 -22.25 -2.65
N LYS C 66 -10.36 -22.53 -1.60
CA LYS C 66 -10.94 -22.79 -0.30
C LYS C 66 -11.58 -21.51 0.26
N PRO C 67 -12.60 -21.67 1.10
CA PRO C 67 -13.20 -20.49 1.73
C PRO C 67 -12.21 -19.75 2.62
N GLY C 68 -12.33 -18.43 2.63
CA GLY C 68 -11.53 -17.60 3.51
C GLY C 68 -10.49 -16.74 2.83
N MET C 69 -10.18 -16.98 1.56
CA MET C 69 -9.25 -16.09 0.87
C MET C 69 -9.88 -14.74 0.61
N VAL C 70 -9.01 -13.76 0.38
CA VAL C 70 -9.43 -12.39 0.09
C VAL C 70 -8.95 -12.03 -1.31
N ILE C 71 -9.68 -11.14 -1.97
CA ILE C 71 -9.30 -10.63 -3.28
C ILE C 71 -9.80 -9.20 -3.38
N MET C 72 -9.22 -8.46 -4.32
CA MET C 72 -9.73 -7.14 -4.66
C MET C 72 -10.46 -7.19 -5.99
N TRP C 73 -11.57 -6.45 -6.04
CA TRP C 73 -12.59 -6.57 -7.07
C TRP C 73 -12.64 -5.28 -7.88
N ALA C 74 -12.54 -5.41 -9.20
CA ALA C 74 -12.54 -4.25 -10.10
C ALA C 74 -13.91 -3.93 -10.67
N GLY C 75 -14.92 -4.76 -10.42
CA GLY C 75 -16.26 -4.52 -10.92
C GLY C 75 -17.10 -3.72 -9.94
N SER C 76 -18.34 -3.47 -10.35
CA SER C 76 -19.27 -2.74 -9.50
C SER C 76 -19.73 -3.64 -8.35
N LEU C 77 -20.29 -2.99 -7.32
CA LEU C 77 -20.77 -3.75 -6.16
C LEU C 77 -21.96 -4.62 -6.52
N ALA C 78 -22.75 -4.22 -7.52
CA ALA C 78 -23.89 -5.03 -7.93
C ALA C 78 -23.46 -6.36 -8.54
N GLN C 79 -22.38 -6.37 -9.31
CA GLN C 79 -21.91 -7.56 -9.99
C GLN C 79 -20.91 -8.36 -9.17
N ILE C 80 -20.96 -8.24 -7.84
CA ILE C 80 -20.04 -9.00 -6.99
C ILE C 80 -20.34 -10.49 -7.14
N PRO C 81 -19.33 -11.34 -7.33
CA PRO C 81 -19.59 -12.77 -7.50
C PRO C 81 -20.22 -13.38 -6.26
N ALA C 82 -21.05 -14.40 -6.49
CA ALA C 82 -21.68 -15.10 -5.39
C ALA C 82 -20.64 -15.81 -4.55
N GLY C 83 -20.90 -15.89 -3.25
CA GLY C 83 -19.94 -16.47 -2.33
C GLY C 83 -18.83 -15.53 -1.90
N TRP C 84 -18.90 -14.26 -2.29
CA TRP C 84 -17.91 -13.27 -1.92
C TRP C 84 -18.61 -12.07 -1.28
N LYS C 85 -18.12 -11.64 -0.13
CA LYS C 85 -18.70 -10.53 0.61
C LYS C 85 -17.68 -9.41 0.75
N LEU C 86 -18.15 -8.16 0.62
CA LEU C 86 -17.26 -7.02 0.68
C LEU C 86 -16.55 -6.96 2.03
N CYS C 87 -15.24 -6.66 1.98
CA CYS C 87 -14.39 -6.68 3.18
C CYS C 87 -14.59 -5.37 3.96
N ASN C 88 -15.81 -5.21 4.46
CA ASN C 88 -16.17 -4.06 5.28
C ASN C 88 -15.83 -4.26 6.75
N GLY C 89 -15.29 -5.43 7.12
CA GLY C 89 -15.03 -5.73 8.51
C GLY C 89 -16.23 -6.19 9.29
N VAL C 90 -17.37 -6.41 8.64
CA VAL C 90 -18.62 -6.76 9.30
C VAL C 90 -18.96 -8.20 8.97
N GLY C 91 -19.26 -8.98 10.01
CA GLY C 91 -19.69 -10.35 9.82
C GLY C 91 -18.53 -11.34 9.80
N THR C 92 -18.91 -12.62 9.66
CA THR C 92 -17.96 -13.72 9.64
C THR C 92 -18.16 -14.54 8.38
N THR C 93 -17.22 -15.43 8.12
CA THR C 93 -17.25 -16.28 6.94
C THR C 93 -18.10 -17.52 7.22
N SER C 94 -18.06 -18.49 6.29
CA SER C 94 -18.79 -19.73 6.50
C SER C 94 -18.24 -20.52 7.68
N ASN C 95 -16.92 -20.52 7.84
CA ASN C 95 -16.29 -21.20 8.97
C ASN C 95 -16.23 -20.33 10.22
N GLY C 96 -16.72 -19.10 10.15
CA GLY C 96 -16.81 -18.24 11.32
C GLY C 96 -15.68 -17.24 11.47
N ILE C 97 -14.71 -17.22 10.55
CA ILE C 97 -13.61 -16.26 10.65
C ILE C 97 -14.15 -14.85 10.40
N PRO C 98 -13.90 -13.89 11.29
CA PRO C 98 -14.45 -12.55 11.09
C PRO C 98 -13.91 -11.89 9.83
N VAL C 99 -14.77 -11.14 9.16
CA VAL C 99 -14.36 -10.42 7.95
C VAL C 99 -13.44 -9.28 8.35
N PRO C 100 -12.25 -9.15 7.74
CA PRO C 100 -11.41 -7.99 8.02
C PRO C 100 -11.94 -6.74 7.32
N ASN C 101 -11.54 -5.60 7.86
CA ASN C 101 -11.92 -4.30 7.30
C ASN C 101 -10.75 -3.77 6.48
N LEU C 102 -11.00 -3.51 5.20
CA LEU C 102 -9.99 -2.95 4.30
C LEU C 102 -10.47 -1.65 3.67
N ILE C 103 -11.49 -1.02 4.25
CA ILE C 103 -12.05 0.20 3.67
C ILE C 103 -11.15 1.37 4.04
N GLY C 104 -10.58 2.02 3.02
CA GLY C 104 -9.66 3.11 3.27
C GLY C 104 -8.40 2.69 4.01
N ALA C 105 -7.84 1.53 3.64
CA ALA C 105 -6.65 1.02 4.29
C ALA C 105 -5.75 0.38 3.23
N PHE C 106 -4.75 -0.35 3.68
CA PHE C 106 -3.78 -1.00 2.81
C PHE C 106 -3.48 -2.40 3.35
N PRO C 107 -3.13 -3.33 2.48
CA PRO C 107 -2.74 -4.67 2.95
C PRO C 107 -1.31 -4.68 3.47
N TRP C 108 -1.17 -4.74 4.79
CA TRP C 108 0.12 -4.74 5.45
C TRP C 108 0.48 -6.19 5.80
N GLY C 109 1.46 -6.74 5.09
CA GLY C 109 1.88 -8.11 5.33
C GLY C 109 2.41 -8.34 6.72
N ILE C 110 1.77 -9.23 7.47
CA ILE C 110 2.15 -9.52 8.85
C ILE C 110 2.42 -11.01 9.00
N ASP C 111 3.21 -11.34 10.00
CA ASP C 111 3.52 -12.72 10.33
C ASP C 111 2.59 -13.31 11.38
N GLY C 112 1.58 -12.56 11.81
CA GLY C 112 0.67 -13.02 12.83
C GLY C 112 1.14 -12.79 14.25
N SER C 113 2.35 -12.29 14.44
CA SER C 113 2.89 -12.00 15.77
C SER C 113 3.14 -10.52 16.01
N SER C 114 3.59 -9.79 14.98
CA SER C 114 3.80 -8.36 15.14
C SER C 114 2.49 -7.64 15.42
N GLN C 115 1.43 -7.98 14.69
CA GLN C 115 0.11 -7.40 14.90
C GLN C 115 -0.93 -8.51 14.82
N ALA C 116 -2.08 -8.25 15.43
CA ALA C 116 -3.22 -9.14 15.27
C ALA C 116 -3.75 -9.05 13.85
N VAL C 117 -4.26 -10.17 13.35
CA VAL C 117 -4.77 -10.22 11.98
C VAL C 117 -5.95 -9.27 11.85
N GLY C 118 -5.95 -8.46 10.80
CA GLY C 118 -7.00 -7.50 10.57
C GLY C 118 -6.85 -6.18 11.29
N THR C 119 -5.75 -5.99 12.03
CA THR C 119 -5.56 -4.74 12.76
C THR C 119 -5.35 -3.57 11.80
N ARG C 120 -6.01 -2.46 12.11
CA ARG C 120 -5.93 -1.24 11.30
C ARG C 120 -5.06 -0.24 12.04
N GLY C 121 -4.05 0.28 11.35
CA GLY C 121 -3.13 1.24 11.95
C GLY C 121 -2.63 2.23 10.92
N GLY C 122 -1.95 3.26 11.41
CA GLY C 122 -1.41 4.29 10.55
C GLY C 122 -2.47 5.25 10.04
N SER C 123 -2.08 6.48 9.73
CA SER C 123 -3.03 7.46 9.22
C SER C 123 -2.29 8.48 8.37
N ALA C 124 -3.04 9.15 7.49
CA ALA C 124 -2.50 10.19 6.64
C ALA C 124 -2.36 11.53 7.33
N ASN C 125 -3.05 11.74 8.46
CA ASN C 125 -2.94 13.00 9.19
C ASN C 125 -3.27 12.71 10.65
N ILE C 126 -2.23 12.62 11.47
CA ILE C 126 -2.37 12.30 12.89
C ILE C 126 -2.16 13.53 13.76
N VAL C 127 -0.97 14.11 13.73
CA VAL C 127 -0.66 15.30 14.51
C VAL C 127 0.51 16.00 13.84
N TRP C 128 0.70 17.28 14.14
CA TRP C 128 1.72 18.07 13.47
C TRP C 128 2.18 19.20 14.37
N ASP C 129 3.50 19.39 14.44
CA ASP C 129 4.08 20.50 15.19
C ASP C 129 5.52 20.74 14.77
N GLY C 130 5.86 22.00 14.51
CA GLY C 130 7.23 22.38 14.16
C GLY C 130 7.98 22.89 15.37
N PHE C 131 9.31 22.78 15.32
CA PHE C 131 10.16 23.23 16.42
C PHE C 131 11.58 23.42 15.90
N THR C 132 12.08 24.66 15.96
CA THR C 132 13.45 24.95 15.62
C THR C 132 14.32 24.91 16.87
N GLU C 133 15.55 25.42 16.77
CA GLU C 133 16.39 25.62 17.95
C GLU C 133 17.24 26.86 17.72
N GLY C 134 17.83 27.35 18.81
CA GLY C 134 18.52 28.62 18.76
C GLY C 134 19.80 28.58 17.96
N THR C 135 20.25 29.79 17.57
CA THR C 135 21.46 29.98 16.80
C THR C 135 22.43 30.81 17.63
N ALA C 136 23.68 30.35 17.70
CA ALA C 136 24.74 31.09 18.41
C ALA C 136 25.09 32.33 17.60
N LEU C 137 24.55 33.48 18.00
CA LEU C 137 24.72 34.70 17.23
C LEU C 137 26.13 35.25 17.37
N THR C 138 26.64 35.80 16.28
CA THR C 138 27.93 36.48 16.27
C THR C 138 27.71 37.99 16.42
N LEU C 139 28.82 38.72 16.51
CA LEU C 139 28.74 40.17 16.67
C LEU C 139 28.13 40.84 15.44
N ALA C 140 28.29 40.22 14.27
CA ALA C 140 27.73 40.76 13.03
C ALA C 140 26.29 40.33 12.79
N GLN C 141 25.71 39.54 13.69
CA GLN C 141 24.33 39.10 13.52
C GLN C 141 23.37 40.28 13.57
N ILE C 142 23.62 41.24 14.45
CA ILE C 142 22.79 42.43 14.58
C ILE C 142 22.93 43.27 13.31
N PRO C 143 21.92 44.03 12.92
CA PRO C 143 22.03 44.82 11.69
C PRO C 143 23.00 45.98 11.81
N ALA C 144 23.16 46.76 10.75
CA ALA C 144 24.02 47.94 10.77
C ALA C 144 23.30 49.05 11.53
N HIS C 145 23.25 48.89 12.85
CA HIS C 145 22.55 49.81 13.72
C HIS C 145 23.54 50.65 14.51
N THR C 146 23.14 51.89 14.80
CA THR C 146 23.94 52.81 15.60
C THR C 146 23.08 53.39 16.72
N HIS C 147 23.75 53.73 17.82
CA HIS C 147 23.08 54.32 18.98
C HIS C 147 23.42 55.80 19.02
N THR C 148 22.41 56.64 18.81
CA THR C 148 22.62 58.08 18.81
C THR C 148 22.98 58.57 20.22
N TRP C 149 23.92 59.50 20.27
CA TRP C 149 24.39 60.07 21.54
C TRP C 149 23.63 61.37 21.78
N ARG C 150 22.71 61.34 22.73
CA ARG C 150 22.03 62.54 23.21
C ARG C 150 22.19 62.64 24.72
N SER C 151 22.79 63.74 25.17
CA SER C 151 23.02 63.98 26.58
C SER C 151 21.70 64.36 27.24
N ARG C 152 21.38 63.69 28.35
CA ARG C 152 20.08 63.88 28.97
C ARG C 152 19.96 65.30 29.53
N GLY C 153 18.84 65.94 29.23
CA GLY C 153 18.57 67.29 29.68
C GLY C 153 19.59 68.29 29.16
N ALA C 154 19.64 69.44 29.84
CA ALA C 154 20.62 70.48 29.54
C ALA C 154 21.92 70.10 30.26
N THR C 155 22.63 69.14 29.68
CA THR C 155 23.81 68.59 30.31
C THR C 155 24.93 69.64 30.37
N THR C 156 25.51 69.80 31.55
CA THR C 156 26.63 70.70 31.78
C THR C 156 27.83 69.89 32.24
N LEU C 157 28.74 69.58 31.32
CA LEU C 157 29.91 68.78 31.66
C LEU C 157 30.87 69.62 32.50
N THR C 158 31.23 69.09 33.66
CA THR C 158 32.09 69.79 34.61
C THR C 158 33.57 69.62 34.27
N GLY C 159 33.95 70.04 33.06
CA GLY C 159 35.34 69.96 32.65
C GLY C 159 36.05 71.29 32.74
N SER C 160 36.86 71.47 33.78
CA SER C 160 37.62 72.70 33.99
C SER C 160 38.92 72.33 34.67
N ALA C 161 39.67 73.35 35.10
CA ALA C 161 40.94 73.16 35.79
C ALA C 161 40.65 72.89 37.25
N GLY C 162 40.56 71.61 37.60
CA GLY C 162 40.31 71.22 38.98
C GLY C 162 39.32 70.08 39.12
N ASP C 163 38.37 69.99 38.19
CA ASP C 163 37.36 68.95 38.19
C ASP C 163 37.51 68.10 36.94
N SER C 164 37.51 66.78 37.11
CA SER C 164 37.61 65.88 35.98
C SER C 164 36.36 65.96 35.12
N GLY C 165 36.55 65.73 33.82
CA GLY C 165 35.45 65.80 32.87
C GLY C 165 34.37 64.78 33.12
N ALA C 166 33.22 65.24 33.60
CA ALA C 166 32.08 64.37 33.87
C ALA C 166 30.84 65.00 33.23
N LEU C 167 30.12 64.21 32.43
CA LEU C 167 28.91 64.69 31.76
C LEU C 167 27.78 64.72 32.77
N THR C 168 27.77 65.80 33.57
CA THR C 168 26.76 66.00 34.61
C THR C 168 25.53 66.61 33.96
N GLY C 169 24.56 65.76 33.64
CA GLY C 169 23.37 66.20 32.94
C GLY C 169 22.14 66.34 33.81
N GLY C 170 21.74 67.59 34.08
CA GLY C 170 20.52 67.82 34.80
C GLY C 170 19.30 67.61 33.93
N SER C 171 18.16 67.39 34.58
CA SER C 171 16.92 67.13 33.86
C SER C 171 16.47 68.39 33.13
N GLY C 172 15.99 68.20 31.91
CA GLY C 172 15.54 69.32 31.10
C GLY C 172 15.51 68.94 29.63
N ASN C 173 15.65 69.97 28.79
CA ASN C 173 15.65 69.78 27.34
C ASN C 173 16.89 68.99 26.93
N ALA C 174 16.68 67.73 26.53
CA ALA C 174 17.79 66.86 26.13
C ALA C 174 18.44 67.43 24.87
N ALA C 175 19.67 67.95 25.02
CA ALA C 175 20.36 68.57 23.90
C ALA C 175 20.86 67.52 22.92
N ASN C 176 20.05 67.20 21.92
CA ASN C 176 20.40 66.17 20.95
C ASN C 176 21.50 66.72 20.03
N THR C 177 22.74 66.47 20.41
CA THR C 177 23.86 66.81 19.54
C THR C 177 23.93 65.80 18.39
N ASN C 178 24.52 66.23 17.29
CA ASN C 178 24.69 65.35 16.12
C ASN C 178 25.91 64.45 16.31
N LEU C 179 25.89 63.72 17.42
CA LEU C 179 26.94 62.79 17.79
C LEU C 179 26.41 61.36 17.69
N GLU C 180 27.19 60.49 17.06
CA GLU C 180 26.78 59.12 16.83
C GLU C 180 27.83 58.16 17.37
N THR C 181 27.39 56.96 17.74
CA THR C 181 28.28 55.90 18.17
C THR C 181 28.50 54.93 17.03
N GLY C 182 29.68 54.29 17.04
CA GLY C 182 30.07 53.39 15.98
C GLY C 182 29.11 52.24 15.79
N PRO C 183 28.59 52.09 14.58
CA PRO C 183 27.68 50.96 14.29
C PRO C 183 28.34 49.62 14.56
N ALA C 184 27.56 48.68 15.08
CA ALA C 184 28.03 47.33 15.37
C ALA C 184 27.12 46.33 14.67
N GLY C 185 27.73 45.34 14.02
CA GLY C 185 26.99 44.31 13.33
C GLY C 185 26.53 44.75 11.95
N GLN C 186 26.11 43.76 11.15
CA GLN C 186 25.66 44.01 9.79
C GLN C 186 24.38 43.26 9.43
N GLY C 187 23.91 42.33 10.24
CA GLY C 187 22.74 41.55 9.90
C GLY C 187 23.07 40.33 9.07
N GLN C 188 23.94 39.47 9.58
CA GLN C 188 24.40 38.30 8.84
C GLN C 188 23.38 37.17 8.96
N THR C 189 23.78 35.97 8.54
CA THR C 189 22.89 34.82 8.51
C THR C 189 22.98 34.02 9.81
N HIS C 190 21.85 33.83 10.46
CA HIS C 190 21.74 32.98 11.64
C HIS C 190 20.81 31.82 11.29
N ASN C 191 21.34 30.60 11.40
CA ASN C 191 20.68 29.41 10.87
C ASN C 191 20.22 28.50 12.01
N HIS C 192 19.14 27.75 11.75
CA HIS C 192 18.55 26.86 12.73
C HIS C 192 18.26 25.51 12.07
N ALA C 193 18.13 24.49 12.90
CA ALA C 193 17.70 23.17 12.45
C ALA C 193 16.23 22.98 12.79
N VAL C 194 15.69 21.84 12.39
CA VAL C 194 14.26 21.55 12.51
C VAL C 194 14.08 20.23 13.25
N LYS C 195 13.18 20.23 14.24
CA LYS C 195 12.81 19.04 14.97
C LYS C 195 11.29 18.88 14.87
N ILE C 196 10.77 18.98 13.64
CA ILE C 196 9.34 18.96 13.43
C ILE C 196 8.74 17.63 13.86
N ASN C 197 7.48 17.70 14.30
CA ASN C 197 6.68 16.52 14.61
C ASN C 197 5.80 16.25 13.39
N MET C 198 5.95 15.05 12.82
CA MET C 198 5.42 14.78 11.50
C MET C 198 4.59 13.50 11.33
N PRO C 199 3.71 13.14 12.27
CA PRO C 199 2.83 11.98 12.01
C PRO C 199 1.83 12.20 10.88
N LEU C 200 1.87 13.34 10.20
CA LEU C 200 1.05 13.56 9.01
C LEU C 200 1.50 12.64 7.89
N GLY C 201 0.71 11.61 7.59
CA GLY C 201 1.11 10.64 6.60
C GLY C 201 0.98 11.16 5.18
N ASN C 202 1.92 10.77 4.35
CA ASN C 202 1.93 11.15 2.94
C ASN C 202 1.48 9.96 2.11
N ILE C 203 0.26 10.06 1.58
CA ILE C 203 -0.35 8.96 0.83
C ILE C 203 0.30 8.85 -0.55
N PRO C 204 0.92 7.72 -0.87
CA PRO C 204 1.49 7.53 -2.21
C PRO C 204 0.38 7.30 -3.23
N PRO C 205 0.70 7.29 -4.52
CA PRO C 205 -0.35 7.02 -5.52
C PRO C 205 -1.01 5.68 -5.28
N PHE C 206 -2.33 5.65 -5.45
CA PHE C 206 -3.12 4.45 -5.18
C PHE C 206 -4.16 4.28 -6.27
N CYS C 207 -4.92 3.20 -6.17
CA CYS C 207 -6.07 2.95 -7.01
C CYS C 207 -7.22 2.46 -6.15
N SER C 208 -8.43 2.85 -6.51
CA SER C 208 -9.62 2.56 -5.71
C SER C 208 -10.29 1.31 -6.26
N VAL C 209 -10.20 0.22 -5.50
CA VAL C 209 -10.80 -1.06 -5.88
C VAL C 209 -11.53 -1.64 -4.68
N PHE C 210 -12.54 -2.45 -4.95
CA PHE C 210 -13.30 -3.09 -3.89
C PHE C 210 -12.48 -4.21 -3.26
N PHE C 211 -12.91 -4.65 -2.08
CA PHE C 211 -12.26 -5.77 -1.41
C PHE C 211 -13.32 -6.78 -1.01
N ILE C 212 -13.25 -7.98 -1.58
CA ILE C 212 -14.22 -9.03 -1.31
C ILE C 212 -13.49 -10.28 -0.81
N ILE C 213 -14.01 -10.87 0.25
CA ILE C 213 -13.48 -12.11 0.81
C ILE C 213 -14.45 -13.23 0.46
N LYS C 214 -13.91 -14.36 0.01
CA LYS C 214 -14.73 -15.51 -0.31
C LYS C 214 -15.41 -16.03 0.94
N ASN C 215 -16.72 -16.20 0.87
CA ASN C 215 -17.50 -16.66 2.02
C ASN C 215 -17.11 -18.08 2.40
#